data_6O71
#
_entry.id   6O71
#
_cell.length_a   104.283
_cell.length_b   164.471
_cell.length_c   111.190
_cell.angle_alpha   90.00
_cell.angle_beta   90.00
_cell.angle_gamma   90.00
#
_symmetry.space_group_name_H-M   'C 2 2 21'
#
loop_
_entity.id
_entity.type
_entity.pdbx_description
1 polymer Csm6
2 polymer 'Cyclic DNA cdA4'
#
loop_
_entity_poly.entity_id
_entity_poly.type
_entity_poly.pdbx_seq_one_letter_code
_entity_poly.pdbx_strand_id
1 'polypeptide(L)'
;MGMKLLVVSWGDFERWKETKYRFGGETSVGPSTLPILQKVIKPDWTVIVLSDTIGKDFSSVETLREDVRNRVMDFLDRIG
AGREVDVIIAPGIGEFTHGSFRGSAMDAYYYVLHALSEIIPTKGDLEVHFDSTHGLNYVTLLTYRALKDLLGIAAVMNTV
TFYAYNSDPFVPKITKELNINTIETTMVKPTPLSEPLPGFDEYLCPYSMERAEFVRLKGSLNTLKNLRKEKKKLEAWIGS
LLFGLPLLFLEEFPDIGRLESYIEELAETWGGAIAVNAEEKAVTRRLAFGSGFGTLVKLLFQARITRGLLVEEPYSIEKL
YSVSDRLFRGSTLQRVRVELGKIEDKAIKYARKGAFPRDIPLRDFLGFDAANREVSPRNVLAHAGLEANVVEVSMEAWEP
KRPEEEAGRHTHLKYTPVGLKKVEDIVSRALKESHHHHHH
;
A,B
2 'polydeoxyribonucleotide' (DA)(DA)(DA)(DA) C,D
#
# COMPACT_ATOMS: atom_id res chain seq x y z
N MET A 3 -19.47 9.92 -6.89
CA MET A 3 -18.74 11.15 -6.45
C MET A 3 -17.34 11.16 -7.08
N LYS A 4 -17.04 12.18 -7.90
CA LYS A 4 -15.68 12.51 -8.40
C LYS A 4 -15.07 13.60 -7.52
N LEU A 5 -13.77 13.50 -7.22
CA LEU A 5 -13.03 14.43 -6.32
C LEU A 5 -11.73 14.88 -7.00
N LEU A 6 -11.51 16.19 -7.09
CA LEU A 6 -10.28 16.80 -7.67
C LEU A 6 -9.48 17.47 -6.55
N VAL A 7 -8.31 16.90 -6.21
CA VAL A 7 -7.30 17.51 -5.29
C VAL A 7 -6.18 18.10 -6.16
N VAL A 8 -5.67 19.28 -5.79
CA VAL A 8 -4.53 19.95 -6.49
C VAL A 8 -3.55 20.47 -5.42
N SER A 9 -2.27 20.10 -5.54
CA SER A 9 -1.15 20.57 -4.70
C SER A 9 -0.58 21.87 -5.30
N TRP A 10 -0.72 22.99 -4.58
CA TRP A 10 -0.36 24.35 -5.06
C TRP A 10 0.84 24.89 -4.28
N GLY A 11 1.70 25.66 -4.95
CA GLY A 11 2.80 26.44 -4.36
C GLY A 11 2.42 27.90 -4.20
N ASP A 12 3.18 28.80 -4.82
CA ASP A 12 2.93 30.27 -4.82
C ASP A 12 2.29 30.66 -6.16
N PHE A 13 0.96 30.82 -6.16
CA PHE A 13 0.09 30.92 -7.36
C PHE A 13 0.24 32.29 -8.05
N GLU A 14 0.69 33.30 -7.30
CA GLU A 14 0.85 34.69 -7.81
C GLU A 14 2.16 34.82 -8.62
N ARG A 15 3.03 33.81 -8.60
CA ARG A 15 4.34 33.81 -9.31
C ARG A 15 4.28 32.95 -10.58
N TRP A 16 3.11 32.44 -10.97
CA TRP A 16 2.94 31.57 -12.17
C TRP A 16 2.73 32.43 -13.42
N LYS A 17 3.25 31.97 -14.55
CA LYS A 17 3.19 32.65 -15.87
C LYS A 17 1.94 32.16 -16.63
N GLU A 18 1.31 33.05 -17.40
CA GLU A 18 0.26 32.71 -18.39
C GLU A 18 0.86 31.79 -19.45
N THR A 19 0.19 30.68 -19.76
CA THR A 19 0.62 29.69 -20.80
C THR A 19 -0.63 29.00 -21.36
N LYS A 20 -0.44 28.02 -22.26
CA LYS A 20 -1.52 27.25 -22.92
C LYS A 20 -1.47 25.80 -22.41
N TYR A 21 -2.64 25.24 -22.04
CA TYR A 21 -2.78 23.87 -21.48
C TYR A 21 -3.64 23.02 -22.41
N ARG A 22 -3.14 21.84 -22.79
CA ARG A 22 -3.87 20.81 -23.57
C ARG A 22 -4.30 19.71 -22.60
N PHE A 23 -5.59 19.36 -22.57
CA PHE A 23 -6.14 18.28 -21.70
C PHE A 23 -7.48 17.78 -22.26
N GLY A 24 -7.58 16.47 -22.49
CA GLY A 24 -8.79 15.77 -22.97
C GLY A 24 -9.35 16.38 -24.25
N GLY A 25 -8.47 16.90 -25.12
CA GLY A 25 -8.84 17.50 -26.41
C GLY A 25 -9.25 18.95 -26.29
N GLU A 26 -9.61 19.41 -25.08
CA GLU A 26 -9.91 20.84 -24.77
C GLU A 26 -8.58 21.58 -24.58
N THR A 27 -8.61 22.91 -24.70
CA THR A 27 -7.43 23.82 -24.63
C THR A 27 -7.79 25.04 -23.79
N SER A 28 -6.82 25.58 -23.05
CA SER A 28 -7.02 26.64 -22.02
C SER A 28 -5.83 27.60 -21.98
N VAL A 29 -6.09 28.91 -21.99
CA VAL A 29 -5.11 29.98 -21.70
C VAL A 29 -5.31 30.43 -20.24
N GLY A 30 -4.21 30.59 -19.49
CA GLY A 30 -4.24 30.99 -18.08
C GLY A 30 -2.97 30.56 -17.34
N PRO A 31 -2.80 30.99 -16.06
CA PRO A 31 -1.61 30.65 -15.28
C PRO A 31 -1.71 29.33 -14.48
N SER A 32 -2.89 28.72 -14.42
CA SER A 32 -3.18 27.49 -13.64
C SER A 32 -3.86 26.44 -14.52
N THR A 33 -3.66 25.17 -14.16
CA THR A 33 -4.25 23.97 -14.83
C THR A 33 -5.69 23.77 -14.36
N LEU A 34 -6.08 24.41 -13.25
CA LEU A 34 -7.34 24.11 -12.51
C LEU A 34 -8.56 24.28 -13.42
N PRO A 35 -8.75 25.43 -14.11
CA PRO A 35 -9.96 25.63 -14.92
C PRO A 35 -10.19 24.56 -16.00
N ILE A 36 -9.14 24.09 -16.68
CA ILE A 36 -9.24 23.04 -17.73
C ILE A 36 -9.48 21.68 -17.06
N LEU A 37 -8.87 21.43 -15.90
CA LEU A 37 -9.08 20.19 -15.11
C LEU A 37 -10.55 20.07 -14.70
N GLN A 38 -11.16 21.17 -14.25
CA GLN A 38 -12.59 21.23 -13.84
C GLN A 38 -13.50 21.00 -15.06
N LYS A 39 -13.20 21.65 -16.19
CA LYS A 39 -13.99 21.56 -17.45
C LYS A 39 -14.06 20.10 -17.92
N VAL A 40 -12.90 19.45 -18.03
CA VAL A 40 -12.75 18.07 -18.60
C VAL A 40 -13.31 17.04 -17.60
N ILE A 41 -12.85 17.08 -16.35
CA ILE A 41 -13.15 16.06 -15.31
C ILE A 41 -14.56 16.29 -14.74
N LYS A 42 -15.05 17.53 -14.74
CA LYS A 42 -16.37 17.93 -14.16
C LYS A 42 -16.50 17.33 -12.76
N PRO A 43 -15.67 17.75 -11.78
CA PRO A 43 -15.70 17.15 -10.45
C PRO A 43 -16.96 17.55 -9.65
N ASP A 44 -17.35 16.71 -8.69
CA ASP A 44 -18.47 16.98 -7.74
C ASP A 44 -17.97 17.93 -6.65
N TRP A 45 -16.65 18.00 -6.43
CA TRP A 45 -16.01 18.87 -5.41
C TRP A 45 -14.50 19.00 -5.69
N THR A 46 -13.93 20.16 -5.39
CA THR A 46 -12.49 20.49 -5.61
C THR A 46 -11.82 20.77 -4.25
N VAL A 47 -10.58 20.31 -4.08
CA VAL A 47 -9.75 20.52 -2.85
C VAL A 47 -8.40 21.11 -3.28
N ILE A 48 -8.05 22.28 -2.74
CA ILE A 48 -6.74 22.96 -2.99
C ILE A 48 -5.89 22.86 -1.73
N VAL A 49 -4.67 22.34 -1.87
CA VAL A 49 -3.68 22.14 -0.77
C VAL A 49 -2.45 22.98 -1.09
N LEU A 50 -2.17 24.00 -0.26
CA LEU A 50 -1.01 24.91 -0.41
C LEU A 50 -0.38 25.17 0.96
N SER A 51 0.83 25.73 0.96
CA SER A 51 1.67 25.96 2.17
C SER A 51 1.20 27.21 2.93
N ASP A 52 1.42 27.23 4.24
CA ASP A 52 1.14 28.37 5.15
C ASP A 52 2.09 29.52 4.83
N THR A 53 3.24 29.21 4.21
CA THR A 53 4.40 30.12 3.99
C THR A 53 4.04 31.25 3.02
N ILE A 54 2.94 31.13 2.28
CA ILE A 54 2.45 32.15 1.31
C ILE A 54 1.90 33.37 2.06
N GLY A 55 1.45 33.18 3.31
CA GLY A 55 0.86 34.25 4.15
C GLY A 55 1.85 35.38 4.44
N LYS A 56 1.34 36.61 4.53
CA LYS A 56 2.13 37.87 4.66
C LYS A 56 1.62 38.73 5.84
N ASP A 57 0.94 38.12 6.82
CA ASP A 57 0.44 38.83 8.04
C ASP A 57 0.71 37.96 9.26
N PHE A 58 1.35 38.53 10.27
CA PHE A 58 1.86 37.83 11.49
C PHE A 58 1.25 38.44 12.76
N SER A 59 0.20 39.26 12.62
CA SER A 59 -0.51 39.91 13.75
C SER A 59 -1.32 38.84 14.52
N SER A 60 -1.69 37.75 13.85
CA SER A 60 -2.37 36.56 14.46
C SER A 60 -2.26 35.36 13.51
N VAL A 61 -2.48 34.14 14.03
CA VAL A 61 -2.43 32.87 13.24
C VAL A 61 -3.66 32.80 12.33
N GLU A 62 -4.83 33.27 12.81
CA GLU A 62 -6.10 33.26 12.04
C GLU A 62 -6.10 34.40 11.01
N THR A 63 -5.34 35.48 11.26
CA THR A 63 -5.13 36.59 10.31
C THR A 63 -4.24 36.10 9.16
N LEU A 64 -3.28 35.21 9.48
CA LEU A 64 -2.33 34.61 8.50
C LEU A 64 -3.09 33.67 7.54
N ARG A 65 -4.16 33.04 8.01
CA ARG A 65 -4.96 32.05 7.21
C ARG A 65 -6.06 32.76 6.42
N GLU A 66 -6.65 33.83 6.98
CA GLU A 66 -7.67 34.65 6.27
C GLU A 66 -6.98 35.46 5.17
N ASP A 67 -5.69 35.78 5.35
CA ASP A 67 -4.81 36.38 4.31
C ASP A 67 -4.70 35.40 3.14
N VAL A 68 -4.15 34.21 3.38
CA VAL A 68 -3.85 33.17 2.36
C VAL A 68 -5.15 32.74 1.66
N ARG A 69 -6.24 32.57 2.42
CA ARG A 69 -7.57 32.16 1.89
C ARG A 69 -8.05 33.21 0.88
N ASN A 70 -8.09 34.49 1.28
CA ASN A 70 -8.57 35.63 0.45
C ASN A 70 -7.74 35.71 -0.84
N ARG A 71 -6.42 35.56 -0.72
CA ARG A 71 -5.46 35.58 -1.87
C ARG A 71 -5.86 34.50 -2.87
N VAL A 72 -6.21 33.31 -2.38
CA VAL A 72 -6.66 32.15 -3.20
C VAL A 72 -8.03 32.48 -3.82
N MET A 73 -8.92 33.12 -3.06
CA MET A 73 -10.28 33.52 -3.50
C MET A 73 -10.18 34.53 -4.66
N ASP A 74 -9.18 35.42 -4.63
CA ASP A 74 -8.89 36.40 -5.72
C ASP A 74 -8.42 35.62 -6.97
N PHE A 75 -7.47 34.70 -6.78
CA PHE A 75 -6.83 33.92 -7.87
C PHE A 75 -7.89 33.09 -8.61
N LEU A 76 -8.83 32.49 -7.87
CA LEU A 76 -9.92 31.65 -8.44
C LEU A 76 -10.87 32.53 -9.28
N ASP A 77 -10.91 33.85 -9.00
CA ASP A 77 -11.69 34.84 -9.80
C ASP A 77 -10.89 35.25 -11.04
N ARG A 78 -9.58 35.49 -10.88
CA ARG A 78 -8.66 35.85 -11.98
C ARG A 78 -8.74 34.78 -13.07
N ILE A 79 -8.49 33.53 -12.71
CA ILE A 79 -8.69 32.34 -13.59
C ILE A 79 -10.19 32.01 -13.59
N GLY A 80 -10.68 31.27 -14.58
CA GLY A 80 -12.12 31.01 -14.76
C GLY A 80 -12.69 30.03 -13.73
N ALA A 81 -11.93 29.73 -12.67
CA ALA A 81 -12.21 28.65 -11.70
C ALA A 81 -13.46 28.95 -10.88
N GLY A 82 -14.12 27.91 -10.36
CA GLY A 82 -15.37 28.00 -9.60
C GLY A 82 -15.15 28.55 -8.20
N ARG A 83 -16.13 28.36 -7.32
CA ARG A 83 -16.05 28.73 -5.88
C ARG A 83 -16.52 27.57 -4.98
N GLU A 84 -17.08 26.50 -5.55
CA GLU A 84 -17.26 25.18 -4.88
C GLU A 84 -15.87 24.57 -4.63
N VAL A 85 -15.17 25.06 -3.60
CA VAL A 85 -13.77 24.66 -3.28
C VAL A 85 -13.58 24.63 -1.76
N ASP A 86 -12.79 23.66 -1.27
CA ASP A 86 -12.23 23.62 0.11
C ASP A 86 -10.73 23.90 0.02
N VAL A 87 -10.24 24.85 0.82
CA VAL A 87 -8.80 25.27 0.83
C VAL A 87 -8.16 24.77 2.13
N ILE A 88 -7.16 23.89 2.01
CA ILE A 88 -6.36 23.33 3.14
C ILE A 88 -5.05 24.11 3.21
N ILE A 89 -4.91 24.99 4.21
CA ILE A 89 -3.69 25.80 4.45
C ILE A 89 -2.77 24.99 5.36
N ALA A 90 -1.85 24.23 4.75
CA ALA A 90 -0.98 23.23 5.42
C ALA A 90 0.20 23.92 6.09
N PRO A 91 0.63 23.45 7.29
CA PRO A 91 1.78 24.03 7.99
C PRO A 91 3.10 23.83 7.26
N GLY A 92 3.55 24.87 6.52
CA GLY A 92 4.80 24.88 5.74
C GLY A 92 5.99 25.33 6.56
N ILE A 93 7.19 25.13 6.03
CA ILE A 93 8.50 25.29 6.73
C ILE A 93 9.41 26.21 5.90
N GLY A 94 10.42 26.83 6.54
CA GLY A 94 11.50 27.60 5.91
C GLY A 94 11.64 28.99 6.50
N GLU A 95 12.62 29.75 6.01
CA GLU A 95 12.91 31.16 6.39
C GLU A 95 12.88 32.02 5.12
N PHE A 96 11.79 32.77 4.91
CA PHE A 96 11.46 33.48 3.64
C PHE A 96 11.74 34.97 3.76
N THR A 97 11.63 35.68 2.64
CA THR A 97 11.83 37.15 2.53
C THR A 97 10.70 37.88 3.27
N HIS A 98 9.46 37.39 3.17
CA HIS A 98 8.25 38.01 3.76
C HIS A 98 7.92 37.40 5.13
N GLY A 99 8.73 36.45 5.63
CA GLY A 99 8.60 35.93 7.00
C GLY A 99 9.37 34.65 7.24
N SER A 100 9.08 33.95 8.35
CA SER A 100 9.74 32.70 8.81
C SER A 100 8.71 31.78 9.45
N PHE A 101 8.83 30.46 9.22
CA PHE A 101 7.92 29.40 9.71
C PHE A 101 8.75 28.18 10.17
N ARG A 102 8.73 27.90 11.48
CA ARG A 102 9.44 26.74 12.09
C ARG A 102 8.42 25.77 12.71
N GLY A 103 8.82 24.50 12.83
CA GLY A 103 7.97 23.37 13.27
C GLY A 103 8.50 22.07 12.71
N SER A 104 7.83 20.95 12.99
CA SER A 104 8.10 19.63 12.38
C SER A 104 7.62 19.67 10.92
N ALA A 105 8.44 19.16 9.99
CA ALA A 105 8.11 19.07 8.55
C ALA A 105 6.99 18.05 8.32
N MET A 106 6.84 17.09 9.24
CA MET A 106 5.82 16.01 9.19
C MET A 106 4.45 16.54 9.62
N ASP A 107 4.36 17.76 10.15
CA ASP A 107 3.08 18.40 10.58
C ASP A 107 2.11 18.49 9.39
N ALA A 108 2.63 18.83 8.21
CA ALA A 108 1.85 19.00 6.95
C ALA A 108 1.12 17.69 6.61
N TYR A 109 1.80 16.55 6.76
CA TYR A 109 1.21 15.20 6.53
C TYR A 109 -0.02 15.01 7.43
N TYR A 110 0.16 15.19 8.74
CA TYR A 110 -0.87 14.95 9.78
C TYR A 110 -2.01 15.96 9.64
N TYR A 111 -1.70 17.23 9.32
CA TYR A 111 -2.70 18.31 9.11
C TYR A 111 -3.59 17.98 7.90
N VAL A 112 -2.97 17.63 6.77
CA VAL A 112 -3.66 17.34 5.48
C VAL A 112 -4.47 16.05 5.63
N LEU A 113 -3.87 15.01 6.23
CA LEU A 113 -4.57 13.73 6.54
C LEU A 113 -5.87 14.04 7.29
N HIS A 114 -5.75 14.77 8.41
CA HIS A 114 -6.87 15.19 9.29
C HIS A 114 -7.89 15.99 8.46
N ALA A 115 -7.40 16.93 7.62
CA ALA A 115 -8.24 17.81 6.77
C ALA A 115 -9.03 16.95 5.77
N LEU A 116 -8.34 16.12 4.99
CA LEU A 116 -8.94 15.25 3.93
C LEU A 116 -9.92 14.26 4.57
N SER A 117 -9.64 13.80 5.80
CA SER A 117 -10.47 12.83 6.56
C SER A 117 -11.91 13.36 6.71
N GLU A 118 -12.08 14.68 6.80
CA GLU A 118 -13.38 15.35 7.03
C GLU A 118 -14.00 15.82 5.72
N ILE A 119 -13.38 15.50 4.57
CA ILE A 119 -13.79 15.99 3.21
C ILE A 119 -14.18 14.79 2.33
N ILE A 120 -13.29 13.80 2.21
CA ILE A 120 -13.52 12.57 1.39
C ILE A 120 -14.81 11.90 1.87
N PRO A 121 -15.84 11.75 0.99
CA PRO A 121 -17.08 11.07 1.37
C PRO A 121 -16.86 9.64 1.91
N THR A 122 -17.63 9.26 2.93
CA THR A 122 -17.50 7.97 3.67
C THR A 122 -18.56 6.96 3.21
N LYS A 123 -19.49 7.37 2.34
CA LYS A 123 -20.52 6.49 1.72
C LYS A 123 -20.44 6.64 0.19
N GLY A 124 -20.54 5.52 -0.54
CA GLY A 124 -20.54 5.48 -2.02
C GLY A 124 -19.14 5.37 -2.59
N ASP A 125 -19.05 5.18 -3.92
CA ASP A 125 -17.77 5.00 -4.67
C ASP A 125 -17.04 6.34 -4.79
N LEU A 126 -15.73 6.30 -5.04
CA LEU A 126 -14.86 7.49 -5.21
C LEU A 126 -14.06 7.38 -6.50
N GLU A 127 -14.06 8.44 -7.31
CA GLU A 127 -13.12 8.67 -8.44
C GLU A 127 -12.28 9.90 -8.10
N VAL A 128 -11.00 9.71 -7.77
CA VAL A 128 -10.12 10.78 -7.21
C VAL A 128 -9.07 11.17 -8.25
N HIS A 129 -8.97 12.47 -8.54
CA HIS A 129 -8.01 13.09 -9.48
C HIS A 129 -7.07 14.01 -8.70
N PHE A 130 -5.75 13.84 -8.85
CA PHE A 130 -4.71 14.58 -8.11
C PHE A 130 -3.75 15.27 -9.08
N ASP A 131 -3.74 16.60 -9.07
CA ASP A 131 -2.88 17.45 -9.94
C ASP A 131 -1.67 17.92 -9.13
N SER A 132 -0.45 17.61 -9.59
CA SER A 132 0.83 17.91 -8.90
C SER A 132 1.67 18.92 -9.70
N THR A 133 1.13 19.48 -10.79
CA THR A 133 1.87 20.37 -11.72
C THR A 133 2.46 21.56 -10.96
N HIS A 134 1.67 22.15 -10.04
CA HIS A 134 1.91 23.48 -9.42
C HIS A 134 2.55 23.35 -8.02
N GLY A 135 2.71 22.13 -7.51
CA GLY A 135 2.99 21.88 -6.09
C GLY A 135 4.46 21.97 -5.73
N LEU A 136 4.74 22.18 -4.43
CA LEU A 136 6.10 22.04 -3.81
C LEU A 136 6.37 20.54 -3.66
N ASN A 137 7.64 20.13 -3.71
CA ASN A 137 8.05 18.69 -3.69
C ASN A 137 7.50 18.01 -2.43
N TYR A 138 7.78 18.54 -1.24
CA TYR A 138 7.56 17.86 0.05
C TYR A 138 6.07 17.93 0.45
N VAL A 139 5.36 19.01 0.12
CA VAL A 139 3.89 19.13 0.36
C VAL A 139 3.15 18.15 -0.56
N THR A 140 3.56 18.06 -1.83
CA THR A 140 2.95 17.18 -2.87
C THR A 140 3.08 15.72 -2.46
N LEU A 141 4.26 15.29 -2.01
CA LEU A 141 4.55 13.89 -1.59
C LEU A 141 3.70 13.52 -0.37
N LEU A 142 3.60 14.42 0.61
CA LEU A 142 2.88 14.18 1.89
C LEU A 142 1.36 14.25 1.66
N THR A 143 0.90 15.04 0.70
CA THR A 143 -0.52 15.11 0.27
C THR A 143 -0.87 13.81 -0.47
N TYR A 144 -0.03 13.40 -1.43
CA TYR A 144 -0.15 12.12 -2.18
C TYR A 144 -0.28 10.95 -1.20
N ARG A 145 0.59 10.94 -0.18
CA ARG A 145 0.68 9.87 0.85
C ARG A 145 -0.58 9.88 1.72
N ALA A 146 -1.02 11.06 2.17
CA ALA A 146 -2.20 11.26 3.05
C ALA A 146 -3.48 10.89 2.28
N LEU A 147 -3.54 11.25 0.99
CA LEU A 147 -4.67 10.95 0.06
C LEU A 147 -4.80 9.43 -0.10
N LYS A 148 -3.71 8.76 -0.49
CA LYS A 148 -3.64 7.29 -0.73
C LYS A 148 -4.05 6.51 0.54
N ASP A 149 -3.45 6.85 1.68
CA ASP A 149 -3.65 6.14 2.97
C ASP A 149 -5.14 6.10 3.34
N LEU A 150 -5.87 7.19 3.08
CA LEU A 150 -7.33 7.30 3.36
C LEU A 150 -8.13 6.52 2.32
N LEU A 151 -7.79 6.67 1.03
CA LEU A 151 -8.49 5.98 -0.09
C LEU A 151 -8.34 4.45 0.07
N GLY A 152 -7.21 4.00 0.62
CA GLY A 152 -6.96 2.58 0.96
C GLY A 152 -7.97 2.04 1.95
N ILE A 153 -8.42 2.86 2.89
CA ILE A 153 -9.43 2.52 3.92
C ILE A 153 -10.84 2.65 3.30
N ALA A 154 -11.04 3.63 2.42
CA ALA A 154 -12.28 3.84 1.64
C ALA A 154 -12.57 2.60 0.78
N ALA A 155 -11.53 1.98 0.24
CA ALA A 155 -11.60 0.85 -0.72
C ALA A 155 -12.13 -0.42 -0.05
N VAL A 156 -12.09 -0.50 1.28
CA VAL A 156 -12.61 -1.66 2.09
C VAL A 156 -14.10 -1.86 1.78
N MET A 157 -14.86 -0.78 1.61
CA MET A 157 -16.35 -0.79 1.51
C MET A 157 -16.83 -0.36 0.12
N ASN A 158 -15.99 0.32 -0.66
CA ASN A 158 -16.44 1.05 -1.89
C ASN A 158 -15.34 0.95 -2.97
N THR A 159 -15.72 1.09 -4.24
CA THR A 159 -14.79 1.13 -5.40
C THR A 159 -14.15 2.51 -5.45
N VAL A 160 -12.82 2.56 -5.53
CA VAL A 160 -11.99 3.80 -5.48
C VAL A 160 -10.96 3.75 -6.61
N THR A 161 -11.13 4.58 -7.64
CA THR A 161 -10.18 4.76 -8.77
C THR A 161 -9.42 6.07 -8.56
N PHE A 162 -8.09 6.04 -8.68
CA PHE A 162 -7.18 7.19 -8.44
C PHE A 162 -6.41 7.52 -9.73
N TYR A 163 -6.53 8.77 -10.19
CA TYR A 163 -5.75 9.35 -11.33
C TYR A 163 -4.84 10.45 -10.80
N ALA A 164 -3.63 10.58 -11.35
CA ALA A 164 -2.64 11.64 -11.03
C ALA A 164 -2.15 12.30 -12.32
N TYR A 165 -2.05 13.63 -12.31
CA TYR A 165 -1.63 14.45 -13.48
C TYR A 165 -0.46 15.36 -13.11
N ASN A 166 0.47 15.54 -14.06
CA ASN A 166 1.53 16.57 -14.05
C ASN A 166 1.65 17.11 -15.49
N SER A 167 1.92 18.40 -15.64
CA SER A 167 1.99 19.09 -16.96
C SER A 167 3.39 18.86 -17.56
N ASP A 168 3.55 19.10 -18.86
CA ASP A 168 4.88 19.22 -19.50
C ASP A 168 5.64 20.30 -18.74
N PRO A 169 6.96 20.15 -18.52
CA PRO A 169 7.72 21.15 -17.75
C PRO A 169 7.75 22.51 -18.48
N PHE A 170 7.74 23.59 -17.70
CA PHE A 170 7.71 25.00 -18.19
C PHE A 170 9.13 25.55 -18.29
N VAL A 171 9.53 25.95 -19.51
CA VAL A 171 10.84 26.59 -19.82
C VAL A 171 10.54 28.03 -20.23
N PRO A 172 11.26 29.05 -19.69
CA PRO A 172 10.82 30.44 -19.75
C PRO A 172 10.02 30.87 -21.01
N LYS A 173 10.62 30.79 -22.21
CA LYS A 173 10.01 31.34 -23.46
C LYS A 173 9.95 30.30 -24.58
N ILE A 174 10.57 29.12 -24.43
CA ILE A 174 10.55 28.04 -25.45
C ILE A 174 9.15 27.43 -25.49
N THR A 175 8.45 27.44 -24.35
CA THR A 175 7.09 26.89 -24.15
C THR A 175 6.08 27.62 -25.06
N LYS A 176 5.15 26.87 -25.66
CA LYS A 176 4.00 27.40 -26.44
C LYS A 176 2.71 26.77 -25.89
N GLU A 177 2.70 25.45 -25.67
CA GLU A 177 1.57 24.68 -25.09
C GLU A 177 2.11 23.58 -24.18
N LEU A 178 1.52 23.41 -23.00
CA LEU A 178 1.84 22.33 -22.02
C LEU A 178 0.72 21.31 -22.03
N ASN A 179 1.04 20.04 -22.31
CA ASN A 179 0.10 18.89 -22.23
C ASN A 179 0.00 18.48 -20.75
N ILE A 180 -1.23 18.26 -20.26
CA ILE A 180 -1.49 17.74 -18.88
C ILE A 180 -1.55 16.21 -18.96
N ASN A 181 -0.46 15.54 -18.55
CA ASN A 181 -0.24 14.09 -18.72
C ASN A 181 -0.81 13.33 -17.52
N THR A 182 -1.44 12.18 -17.76
CA THR A 182 -1.82 11.19 -16.71
C THR A 182 -0.58 10.36 -16.37
N ILE A 183 -0.01 10.56 -15.18
CA ILE A 183 1.25 9.92 -14.71
C ILE A 183 0.92 8.73 -13.79
N GLU A 184 -0.37 8.52 -13.51
CA GLU A 184 -0.87 7.38 -12.69
C GLU A 184 -2.37 7.18 -12.94
N THR A 185 -2.79 5.92 -13.09
CA THR A 185 -4.22 5.49 -13.07
C THR A 185 -4.29 4.11 -12.40
N THR A 186 -4.92 4.06 -11.22
CA THR A 186 -4.88 2.91 -10.27
C THR A 186 -6.30 2.60 -9.77
N MET A 187 -6.63 1.31 -9.65
CA MET A 187 -7.80 0.82 -8.87
C MET A 187 -7.28 0.55 -7.45
N VAL A 188 -7.54 1.48 -6.53
CA VAL A 188 -6.98 1.49 -5.13
C VAL A 188 -7.33 0.15 -4.45
N LYS A 189 -6.31 -0.60 -4.01
CA LYS A 189 -6.48 -1.90 -3.31
C LYS A 189 -7.00 -1.66 -1.89
N PRO A 190 -7.95 -2.47 -1.39
CA PRO A 190 -8.42 -2.36 -0.01
C PRO A 190 -7.31 -2.67 1.01
N THR A 191 -6.96 -1.67 1.84
CA THR A 191 -5.94 -1.77 2.93
C THR A 191 -6.56 -1.31 4.24
N PRO A 192 -7.17 -2.23 5.03
CA PRO A 192 -7.64 -1.88 6.37
C PRO A 192 -6.45 -1.48 7.27
N LEU A 193 -6.71 -0.62 8.26
CA LEU A 193 -5.68 -0.14 9.23
C LEU A 193 -5.00 -1.37 9.85
N SER A 194 -3.66 -1.42 9.79
CA SER A 194 -2.82 -2.53 10.33
C SER A 194 -1.73 -1.95 11.24
N GLU A 195 -2.02 -0.85 11.92
CA GLU A 195 -1.16 -0.22 12.97
C GLU A 195 -1.80 -0.47 14.33
N PRO A 196 -1.02 -0.82 15.38
CA PRO A 196 -1.50 -0.67 16.75
C PRO A 196 -1.47 0.81 17.15
N LEU A 197 -2.32 1.22 18.08
CA LEU A 197 -2.19 2.55 18.75
C LEU A 197 -0.81 2.59 19.40
N PRO A 198 0.03 3.62 19.13
CA PRO A 198 1.36 3.69 19.71
C PRO A 198 1.35 4.18 21.17
N GLY A 199 2.53 4.17 21.81
CA GLY A 199 2.74 4.68 23.17
C GLY A 199 2.38 6.16 23.26
N PHE A 200 2.21 6.67 24.49
CA PHE A 200 1.61 7.99 24.79
C PHE A 200 2.67 9.09 24.74
N ASP A 201 3.76 8.86 24.02
CA ASP A 201 4.81 9.85 23.68
C ASP A 201 4.62 10.36 22.25
N GLU A 202 3.84 9.64 21.43
CA GLU A 202 3.84 9.77 19.94
C GLU A 202 2.49 10.28 19.43
N TYR A 203 1.80 11.11 20.21
CA TYR A 203 0.53 11.80 19.82
C TYR A 203 0.82 13.29 19.63
N LEU A 204 1.43 13.93 20.65
CA LEU A 204 1.96 15.31 20.59
C LEU A 204 3.36 15.34 21.20
N CYS A 205 4.31 15.92 20.47
CA CYS A 205 5.76 16.03 20.85
C CYS A 205 6.14 17.51 20.95
N PRO A 206 7.08 17.88 21.83
CA PRO A 206 7.52 19.28 21.94
C PRO A 206 8.59 19.60 20.90
N TYR A 207 8.33 20.58 20.01
CA TYR A 207 9.29 21.04 18.98
C TYR A 207 10.19 22.13 19.59
N SER A 208 9.58 23.23 20.04
CA SER A 208 10.25 24.40 20.67
C SER A 208 9.46 24.85 21.89
N MET A 209 9.52 24.07 22.98
CA MET A 209 8.74 24.31 24.22
C MET A 209 9.53 23.80 25.43
N GLU A 210 9.59 24.61 26.50
CA GLU A 210 10.28 24.25 27.78
C GLU A 210 9.62 22.99 28.34
N ARG A 211 10.45 22.08 28.88
CA ARG A 211 10.07 20.73 29.38
C ARG A 211 8.77 20.81 30.20
N ALA A 212 8.74 21.67 31.22
CA ALA A 212 7.65 21.81 32.20
C ALA A 212 6.33 22.19 31.51
N GLU A 213 6.38 23.13 30.56
CA GLU A 213 5.19 23.66 29.84
C GLU A 213 4.57 22.54 28.99
N PHE A 214 5.38 21.76 28.27
CA PHE A 214 4.93 20.59 27.48
C PHE A 214 4.28 19.57 28.41
N VAL A 215 4.93 19.26 29.53
CA VAL A 215 4.49 18.25 30.54
C VAL A 215 3.10 18.64 31.06
N ARG A 216 2.83 19.94 31.22
CA ARG A 216 1.52 20.48 31.67
C ARG A 216 0.46 20.26 30.59
N LEU A 217 0.78 20.58 29.32
CA LEU A 217 -0.13 20.40 28.16
C LEU A 217 -0.47 18.92 27.99
N LYS A 218 0.56 18.08 27.88
CA LYS A 218 0.45 16.59 27.77
C LYS A 218 -0.41 16.07 28.93
N GLY A 219 -0.08 16.48 30.16
CA GLY A 219 -0.77 16.06 31.40
C GLY A 219 -2.21 16.52 31.47
N SER A 220 -2.57 17.56 30.71
CA SER A 220 -3.94 18.16 30.67
C SER A 220 -4.85 17.38 29.71
N LEU A 221 -4.30 16.60 28.78
CA LEU A 221 -5.05 15.93 27.69
C LEU A 221 -5.90 14.78 28.26
N ASN A 222 -7.22 14.83 28.04
CA ASN A 222 -8.18 13.73 28.36
C ASN A 222 -7.92 12.53 27.44
N THR A 223 -7.48 12.78 26.21
CA THR A 223 -7.20 11.72 25.18
C THR A 223 -6.30 10.64 25.80
N LEU A 224 -5.07 11.02 26.18
CA LEU A 224 -4.02 10.08 26.65
C LEU A 224 -4.51 9.31 27.89
N LYS A 225 -5.16 9.98 28.84
CA LYS A 225 -5.75 9.36 30.05
C LYS A 225 -6.73 8.25 29.63
N ASN A 226 -7.71 8.60 28.77
CA ASN A 226 -8.81 7.71 28.34
C ASN A 226 -8.27 6.58 27.45
N LEU A 227 -7.43 6.92 26.47
CA LEU A 227 -6.91 5.97 25.44
C LEU A 227 -6.15 4.83 26.12
N ARG A 228 -5.49 5.12 27.25
CA ARG A 228 -4.75 4.14 28.11
C ARG A 228 -5.62 2.90 28.38
N LYS A 229 -6.90 3.11 28.74
CA LYS A 229 -7.86 2.06 29.17
C LYS A 229 -8.61 1.49 27.95
N GLU A 230 -8.78 2.31 26.91
CA GLU A 230 -9.59 2.01 25.69
C GLU A 230 -8.70 1.39 24.60
N LYS A 231 -7.37 1.44 24.79
CA LYS A 231 -6.33 1.04 23.80
C LYS A 231 -6.60 -0.38 23.29
N LYS A 232 -6.73 -1.36 24.19
CA LYS A 232 -6.78 -2.81 23.87
C LYS A 232 -7.99 -3.10 22.97
N LYS A 233 -9.16 -2.54 23.30
CA LYS A 233 -10.45 -2.77 22.59
C LYS A 233 -10.38 -2.21 21.15
N LEU A 234 -9.79 -1.03 20.98
CA LEU A 234 -9.64 -0.37 19.65
C LEU A 234 -8.69 -1.20 18.78
N GLU A 235 -7.62 -1.75 19.38
CA GLU A 235 -6.64 -2.63 18.70
C GLU A 235 -7.29 -3.97 18.35
N ALA A 236 -8.19 -4.47 19.21
CA ALA A 236 -9.00 -5.68 18.97
C ALA A 236 -9.91 -5.46 17.75
N TRP A 237 -10.49 -4.27 17.62
CA TRP A 237 -11.39 -3.90 16.49
C TRP A 237 -10.57 -3.76 15.20
N ILE A 238 -9.44 -3.04 15.25
CA ILE A 238 -8.48 -2.89 14.11
C ILE A 238 -8.15 -4.30 13.58
N GLY A 239 -7.79 -5.23 14.47
CA GLY A 239 -7.45 -6.62 14.14
C GLY A 239 -8.63 -7.38 13.54
N SER A 240 -9.86 -7.02 13.93
CA SER A 240 -11.12 -7.64 13.44
C SER A 240 -11.24 -7.50 11.92
N LEU A 241 -10.96 -6.30 11.38
CA LEU A 241 -10.96 -6.03 9.92
C LEU A 241 -9.80 -6.77 9.25
N LEU A 242 -8.60 -6.69 9.86
CA LEU A 242 -7.33 -7.17 9.26
C LEU A 242 -7.32 -8.70 9.16
N PHE A 243 -7.79 -9.40 10.20
CA PHE A 243 -7.62 -10.87 10.38
C PHE A 243 -8.88 -11.65 9.94
N GLY A 244 -10.02 -10.99 9.78
CA GLY A 244 -11.28 -11.61 9.31
C GLY A 244 -12.09 -12.16 10.47
N LEU A 245 -12.44 -11.31 11.43
CA LEU A 245 -13.18 -11.66 12.67
C LEU A 245 -14.50 -10.88 12.68
N PRO A 246 -15.56 -11.39 12.02
CA PRO A 246 -16.80 -10.63 11.82
C PRO A 246 -17.60 -10.31 13.09
N LEU A 247 -17.54 -11.16 14.11
CA LEU A 247 -18.29 -10.98 15.39
C LEU A 247 -17.56 -9.95 16.27
N LEU A 248 -16.22 -9.99 16.30
CA LEU A 248 -15.38 -9.03 17.07
C LEU A 248 -15.52 -7.63 16.45
N PHE A 249 -15.65 -7.54 15.13
CA PHE A 249 -15.95 -6.28 14.40
C PHE A 249 -17.17 -5.60 15.04
N LEU A 250 -18.26 -6.37 15.22
CA LEU A 250 -19.56 -5.86 15.71
C LEU A 250 -19.45 -5.53 17.21
N GLU A 251 -18.98 -6.48 18.03
CA GLU A 251 -18.93 -6.36 19.51
C GLU A 251 -17.97 -5.24 19.92
N GLU A 252 -16.92 -4.97 19.14
CA GLU A 252 -15.86 -3.99 19.47
C GLU A 252 -15.98 -2.72 18.62
N PHE A 253 -17.10 -2.49 17.94
CA PHE A 253 -17.26 -1.30 17.07
C PHE A 253 -17.05 -0.05 17.93
N PRO A 254 -16.07 0.80 17.58
CA PRO A 254 -15.69 1.94 18.42
C PRO A 254 -16.76 3.03 18.52
N ASP A 255 -16.67 3.84 19.58
CA ASP A 255 -17.51 5.04 19.81
C ASP A 255 -16.94 6.20 18.99
N ILE A 256 -17.64 6.59 17.92
CA ILE A 256 -17.22 7.63 16.94
C ILE A 256 -17.13 8.99 17.66
N GLY A 257 -18.10 9.31 18.51
CA GLY A 257 -18.13 10.54 19.33
C GLY A 257 -16.87 10.70 20.16
N ARG A 258 -16.46 9.64 20.86
CA ARG A 258 -15.24 9.63 21.72
C ARG A 258 -13.98 9.79 20.86
N LEU A 259 -13.92 9.13 19.69
CA LEU A 259 -12.78 9.25 18.73
C LEU A 259 -12.71 10.70 18.21
N GLU A 260 -13.83 11.22 17.73
CA GLU A 260 -13.99 12.64 17.29
C GLU A 260 -13.43 13.57 18.37
N SER A 261 -13.74 13.28 19.64
CA SER A 261 -13.35 14.06 20.84
C SER A 261 -11.83 14.09 20.99
N TYR A 262 -11.17 12.93 20.83
CA TYR A 262 -9.71 12.75 20.99
C TYR A 262 -8.96 13.55 19.92
N ILE A 263 -9.39 13.43 18.67
CA ILE A 263 -8.72 14.06 17.48
C ILE A 263 -8.86 15.58 17.58
N GLU A 264 -10.03 16.09 17.96
CA GLU A 264 -10.28 17.55 18.09
C GLU A 264 -9.44 18.10 19.24
N GLU A 265 -9.32 17.37 20.36
CA GLU A 265 -8.55 17.81 21.55
C GLU A 265 -7.08 17.99 21.18
N LEU A 266 -6.49 17.01 20.48
CA LEU A 266 -5.04 17.01 20.09
C LEU A 266 -4.81 18.11 19.05
N ALA A 267 -5.65 18.16 18.01
CA ALA A 267 -5.62 19.17 16.92
C ALA A 267 -5.69 20.58 17.50
N GLU A 268 -6.48 20.77 18.57
CA GLU A 268 -6.72 22.09 19.23
C GLU A 268 -5.51 22.47 20.08
N THR A 269 -4.95 21.53 20.84
CA THR A 269 -3.71 21.72 21.67
C THR A 269 -2.57 22.16 20.75
N TRP A 270 -2.44 21.52 19.60
CA TRP A 270 -1.43 21.84 18.54
C TRP A 270 -1.70 23.23 17.98
N GLY A 271 -2.94 23.52 17.57
CA GLY A 271 -3.37 24.81 17.03
C GLY A 271 -3.09 25.96 17.99
N GLY A 272 -3.32 25.74 19.29
CA GLY A 272 -3.16 26.75 20.35
C GLY A 272 -1.70 26.98 20.71
N ALA A 273 -0.81 26.02 20.39
CA ALA A 273 0.63 26.04 20.72
C ALA A 273 1.46 26.65 19.57
N ILE A 274 0.82 27.38 18.65
CA ILE A 274 1.50 28.10 17.53
C ILE A 274 1.68 29.57 17.96
N ALA A 275 2.93 29.98 18.20
CA ALA A 275 3.32 31.35 18.61
C ALA A 275 3.68 32.19 17.38
N VAL A 276 2.83 33.15 17.03
CA VAL A 276 2.97 34.04 15.84
C VAL A 276 3.52 35.39 16.31
N ASN A 277 4.85 35.55 16.29
CA ASN A 277 5.56 36.75 16.80
C ASN A 277 5.39 37.88 15.76
N ALA A 278 4.44 38.78 16.02
CA ALA A 278 3.92 39.80 15.07
C ALA A 278 5.03 40.77 14.63
N GLU A 279 5.96 41.10 15.54
CA GLU A 279 7.03 42.10 15.29
C GLU A 279 8.04 41.55 14.28
N GLU A 280 8.73 40.45 14.63
CA GLU A 280 9.89 39.91 13.87
C GLU A 280 9.40 38.88 12.82
N LYS A 281 8.09 38.87 12.52
CA LYS A 281 7.48 38.10 11.39
C LYS A 281 7.93 36.63 11.47
N ALA A 282 7.59 35.95 12.57
CA ALA A 282 7.97 34.54 12.84
C ALA A 282 6.76 33.75 13.35
N VAL A 283 6.49 32.59 12.74
CA VAL A 283 5.51 31.57 13.20
C VAL A 283 6.29 30.36 13.70
N THR A 284 6.20 30.05 14.99
CA THR A 284 6.81 28.84 15.61
C THR A 284 5.68 27.90 16.08
N ARG A 285 5.63 26.69 15.51
CA ARG A 285 4.68 25.62 15.89
C ARG A 285 5.35 24.79 16.98
N ARG A 286 5.12 25.16 18.24
CA ARG A 286 5.91 24.74 19.42
C ARG A 286 5.57 23.29 19.79
N LEU A 287 4.44 22.77 19.30
CA LEU A 287 4.08 21.33 19.35
C LEU A 287 4.11 20.74 17.93
N ALA A 288 4.49 19.46 17.82
CA ALA A 288 4.46 18.65 16.58
C ALA A 288 3.48 17.48 16.75
N PHE A 289 2.75 17.12 15.69
CA PHE A 289 1.88 15.93 15.63
C PHE A 289 2.76 14.67 15.57
N GLY A 290 2.38 13.63 16.30
CA GLY A 290 3.03 12.31 16.28
C GLY A 290 2.23 11.31 15.45
N SER A 291 2.79 10.13 15.21
CA SER A 291 2.17 9.02 14.45
C SER A 291 0.84 8.59 15.10
N GLY A 292 0.77 8.71 16.43
CA GLY A 292 -0.43 8.41 17.24
C GLY A 292 -1.64 9.24 16.82
N PHE A 293 -1.45 10.52 16.49
CA PHE A 293 -2.51 11.40 15.96
C PHE A 293 -2.98 10.85 14.60
N GLY A 294 -2.01 10.48 13.75
CA GLY A 294 -2.26 9.89 12.41
C GLY A 294 -3.08 8.61 12.50
N THR A 295 -2.71 7.71 13.41
CA THR A 295 -3.40 6.40 13.64
C THR A 295 -4.85 6.66 14.02
N LEU A 296 -5.10 7.63 14.91
CA LEU A 296 -6.47 8.00 15.41
C LEU A 296 -7.32 8.53 14.24
N VAL A 297 -6.76 9.43 13.42
CA VAL A 297 -7.45 10.01 12.22
C VAL A 297 -7.88 8.87 11.29
N LYS A 298 -6.99 7.91 11.04
CA LYS A 298 -7.24 6.74 10.15
C LYS A 298 -8.28 5.82 10.79
N LEU A 299 -8.20 5.61 12.11
CA LEU A 299 -9.11 4.73 12.89
C LEU A 299 -10.54 5.25 12.77
N LEU A 300 -10.76 6.55 13.02
CA LEU A 300 -12.10 7.21 12.94
C LEU A 300 -12.62 7.14 11.49
N PHE A 301 -11.75 7.32 10.50
CA PHE A 301 -12.12 7.27 9.06
C PHE A 301 -12.63 5.86 8.71
N GLN A 302 -11.92 4.82 9.17
CA GLN A 302 -12.29 3.40 8.94
C GLN A 302 -13.63 3.10 9.63
N ALA A 303 -13.87 3.67 10.82
CA ALA A 303 -15.13 3.53 11.59
C ALA A 303 -16.29 4.13 10.79
N ARG A 304 -16.13 5.35 10.28
CA ARG A 304 -17.13 6.07 9.45
C ARG A 304 -17.45 5.27 8.18
N ILE A 305 -16.40 4.75 7.52
CA ILE A 305 -16.49 3.97 6.25
C ILE A 305 -17.37 2.73 6.47
N THR A 306 -17.29 2.11 7.65
CA THR A 306 -17.88 0.78 7.97
C THR A 306 -19.06 0.89 8.94
N ARG A 307 -19.43 2.10 9.40
CA ARG A 307 -20.42 2.30 10.48
C ARG A 307 -21.80 1.77 10.07
N GLY A 308 -22.11 1.80 8.77
CA GLY A 308 -23.41 1.39 8.20
C GLY A 308 -23.73 -0.07 8.45
N LEU A 309 -22.71 -0.90 8.72
CA LEU A 309 -22.85 -2.36 8.96
C LEU A 309 -23.34 -2.65 10.38
N LEU A 310 -23.02 -1.76 11.32
CA LEU A 310 -23.34 -1.99 12.75
C LEU A 310 -24.84 -2.14 12.98
N VAL A 311 -25.21 -3.04 13.88
CA VAL A 311 -26.62 -3.33 14.26
C VAL A 311 -26.69 -3.58 15.77
N GLU A 312 -27.90 -3.77 16.28
CA GLU A 312 -28.13 -3.97 17.73
C GLU A 312 -27.62 -5.34 18.21
N GLU A 313 -27.59 -5.50 19.53
CA GLU A 313 -26.88 -6.58 20.26
C GLU A 313 -27.18 -8.01 19.85
N PRO A 314 -28.38 -8.47 19.48
CA PRO A 314 -28.49 -9.87 19.10
C PRO A 314 -27.83 -10.01 17.72
N TYR A 315 -26.77 -10.81 17.60
CA TYR A 315 -26.10 -10.96 16.30
C TYR A 315 -26.36 -12.35 15.73
N SER A 316 -27.12 -12.42 14.65
CA SER A 316 -27.50 -13.68 13.96
C SER A 316 -26.37 -14.12 13.03
N ILE A 317 -26.38 -15.39 12.60
CA ILE A 317 -25.38 -15.94 11.63
C ILE A 317 -25.62 -15.29 10.26
N GLU A 318 -26.87 -15.04 9.90
CA GLU A 318 -27.26 -14.33 8.64
C GLU A 318 -26.63 -12.94 8.62
N LYS A 319 -26.58 -12.26 9.77
CA LYS A 319 -26.00 -10.90 9.91
C LYS A 319 -24.48 -10.99 9.71
N LEU A 320 -23.81 -11.91 10.42
CA LEU A 320 -22.34 -12.15 10.30
C LEU A 320 -21.98 -12.48 8.85
N TYR A 321 -22.87 -13.18 8.12
CA TYR A 321 -22.69 -13.55 6.69
C TYR A 321 -22.59 -12.28 5.83
N SER A 322 -23.56 -11.36 5.97
CA SER A 322 -23.68 -10.13 5.15
C SER A 322 -22.55 -9.15 5.47
N VAL A 323 -22.28 -8.91 6.76
CA VAL A 323 -21.15 -8.08 7.26
C VAL A 323 -19.85 -8.61 6.63
N SER A 324 -19.65 -9.92 6.63
CA SER A 324 -18.44 -10.63 6.13
C SER A 324 -18.27 -10.39 4.63
N ASP A 325 -19.36 -10.46 3.86
CA ASP A 325 -19.34 -10.32 2.38
C ASP A 325 -18.95 -8.89 1.99
N ARG A 326 -19.09 -7.91 2.89
CA ARG A 326 -18.73 -6.49 2.64
C ARG A 326 -17.27 -6.22 3.04
N LEU A 327 -16.84 -6.68 4.23
CA LEU A 327 -15.53 -6.33 4.82
C LEU A 327 -14.38 -7.11 4.17
N PHE A 328 -14.63 -8.36 3.77
CA PHE A 328 -13.58 -9.38 3.52
C PHE A 328 -13.58 -9.84 2.05
N ARG A 329 -12.45 -10.40 1.62
CA ARG A 329 -12.20 -10.85 0.22
C ARG A 329 -11.29 -12.08 0.24
N GLY A 330 -11.05 -12.68 -0.94
CA GLY A 330 -10.10 -13.79 -1.15
C GLY A 330 -10.40 -14.97 -0.26
N SER A 331 -9.38 -15.48 0.45
CA SER A 331 -9.44 -16.70 1.29
C SER A 331 -9.89 -16.35 2.72
N THR A 332 -9.65 -15.11 3.16
CA THR A 332 -10.17 -14.58 4.45
C THR A 332 -11.69 -14.72 4.44
N LEU A 333 -12.36 -14.18 3.42
CA LEU A 333 -13.84 -14.23 3.26
C LEU A 333 -14.30 -15.69 3.26
N GLN A 334 -13.66 -16.55 2.46
CA GLN A 334 -14.11 -17.95 2.22
C GLN A 334 -13.95 -18.78 3.50
N ARG A 335 -12.89 -18.55 4.29
CA ARG A 335 -12.70 -19.28 5.59
C ARG A 335 -13.82 -18.88 6.55
N VAL A 336 -14.21 -17.60 6.56
CA VAL A 336 -15.31 -17.07 7.42
C VAL A 336 -16.63 -17.77 7.04
N ARG A 337 -16.91 -17.86 5.74
CA ARG A 337 -18.15 -18.47 5.19
C ARG A 337 -18.22 -19.95 5.57
N VAL A 338 -17.07 -20.63 5.62
CA VAL A 338 -16.93 -22.07 6.03
C VAL A 338 -17.22 -22.21 7.53
N GLU A 339 -16.76 -21.24 8.35
CA GLU A 339 -16.92 -21.26 9.83
C GLU A 339 -18.38 -21.00 10.21
N LEU A 340 -18.99 -19.97 9.61
CA LEU A 340 -20.44 -19.67 9.78
C LEU A 340 -21.27 -20.85 9.25
N GLY A 341 -20.83 -21.44 8.13
CA GLY A 341 -21.47 -22.61 7.48
C GLY A 341 -21.56 -23.80 8.41
N LYS A 342 -20.48 -24.07 9.16
CA LYS A 342 -20.34 -25.23 10.07
C LYS A 342 -21.30 -25.06 11.27
N ILE A 343 -21.41 -23.84 11.80
CA ILE A 343 -22.33 -23.52 12.93
C ILE A 343 -23.77 -23.56 12.41
N GLU A 344 -24.01 -22.94 11.24
CA GLU A 344 -25.34 -22.93 10.56
C GLU A 344 -25.82 -24.37 10.38
N ASP A 345 -25.03 -25.20 9.68
CA ASP A 345 -25.36 -26.62 9.36
C ASP A 345 -25.67 -27.40 10.64
N LYS A 346 -25.02 -27.06 11.76
CA LYS A 346 -25.24 -27.73 13.07
C LYS A 346 -26.57 -27.24 13.66
N ALA A 347 -26.86 -25.94 13.58
CA ALA A 347 -28.14 -25.33 14.00
C ALA A 347 -29.31 -26.03 13.29
N ILE A 348 -29.14 -26.31 12.00
CA ILE A 348 -30.17 -26.96 11.12
C ILE A 348 -30.48 -28.36 11.66
N LYS A 349 -29.45 -29.11 12.06
CA LYS A 349 -29.56 -30.50 12.59
C LYS A 349 -30.38 -30.50 13.88
N TYR A 350 -30.02 -29.63 14.83
CA TYR A 350 -30.74 -29.41 16.12
C TYR A 350 -32.22 -29.12 15.84
N ALA A 351 -32.50 -28.22 14.88
CA ALA A 351 -33.85 -27.71 14.54
C ALA A 351 -34.72 -28.83 13.99
N ARG A 352 -34.16 -29.71 13.15
CA ARG A 352 -34.85 -30.90 12.59
C ARG A 352 -35.36 -31.81 13.73
N LYS A 353 -34.62 -31.87 14.84
CA LYS A 353 -34.95 -32.70 16.03
C LYS A 353 -35.89 -31.95 16.99
N GLY A 354 -36.16 -30.66 16.73
CA GLY A 354 -36.96 -29.80 17.62
C GLY A 354 -36.19 -29.35 18.84
N ALA A 355 -34.85 -29.35 18.76
CA ALA A 355 -33.94 -28.84 19.82
C ALA A 355 -33.56 -27.39 19.48
N PHE A 356 -33.62 -26.49 20.48
CA PHE A 356 -33.27 -25.05 20.37
C PHE A 356 -32.45 -24.67 21.60
N PRO A 357 -31.16 -25.05 21.66
CA PRO A 357 -30.32 -24.78 22.83
C PRO A 357 -30.12 -23.28 23.05
N ARG A 358 -29.99 -22.85 24.31
CA ARG A 358 -29.84 -21.42 24.71
C ARG A 358 -28.61 -21.24 25.62
N ASP A 359 -27.89 -20.14 25.41
CA ASP A 359 -26.70 -19.71 26.21
C ASP A 359 -25.76 -20.91 26.42
N ILE A 360 -25.51 -21.67 25.35
CA ILE A 360 -24.62 -22.89 25.37
C ILE A 360 -23.28 -22.52 24.75
N PRO A 361 -22.14 -22.95 25.33
CA PRO A 361 -20.83 -22.72 24.71
C PRO A 361 -20.75 -23.39 23.34
N LEU A 362 -20.09 -22.74 22.37
CA LEU A 362 -19.98 -23.24 20.96
C LEU A 362 -19.39 -24.65 20.97
N ARG A 363 -18.44 -24.93 21.88
CA ARG A 363 -17.79 -26.27 22.03
C ARG A 363 -18.86 -27.33 22.32
N ASP A 364 -19.80 -27.03 23.21
CA ASP A 364 -20.91 -27.96 23.60
C ASP A 364 -21.92 -28.03 22.46
N PHE A 365 -22.05 -26.95 21.67
CA PHE A 365 -22.97 -26.85 20.50
C PHE A 365 -22.49 -27.76 19.37
N LEU A 366 -21.18 -27.79 19.14
CA LEU A 366 -20.55 -28.59 18.06
C LEU A 366 -20.10 -29.95 18.60
N GLY A 367 -20.35 -30.22 19.89
CA GLY A 367 -19.97 -31.50 20.53
C GLY A 367 -18.48 -31.82 20.56
N PHE A 368 -17.67 -30.96 21.17
CA PHE A 368 -16.22 -31.21 21.28
C PHE A 368 -15.96 -32.11 22.47
N ASP A 369 -14.70 -32.57 22.55
CA ASP A 369 -14.14 -33.41 23.65
C ASP A 369 -13.62 -32.51 24.77
N ALA A 370 -13.25 -33.08 25.92
CA ALA A 370 -12.78 -32.27 27.06
C ALA A 370 -11.27 -32.06 26.92
N ALA A 371 -10.70 -32.45 25.77
CA ALA A 371 -9.24 -32.40 25.57
C ALA A 371 -8.65 -30.99 25.66
N ASN A 372 -9.20 -30.00 24.96
CA ASN A 372 -8.54 -28.68 25.12
C ASN A 372 -9.53 -27.54 25.31
N ARG A 373 -9.34 -26.87 26.44
CA ARG A 373 -10.13 -25.73 26.98
C ARG A 373 -9.28 -24.44 26.92
N GLU A 374 -7.96 -24.56 26.82
CA GLU A 374 -7.04 -23.40 26.66
C GLU A 374 -7.33 -22.73 25.32
N VAL A 375 -7.20 -21.40 25.27
CA VAL A 375 -7.57 -20.53 24.10
C VAL A 375 -6.27 -20.01 23.47
N SER A 376 -5.90 -20.57 22.31
CA SER A 376 -4.65 -20.27 21.57
C SER A 376 -4.90 -19.20 20.50
N PRO A 377 -3.88 -18.39 20.14
CA PRO A 377 -3.95 -17.53 18.96
C PRO A 377 -4.25 -18.33 17.68
N ARG A 378 -3.64 -19.51 17.54
CA ARG A 378 -3.84 -20.46 16.42
C ARG A 378 -5.34 -20.62 16.16
N ASN A 379 -6.09 -21.12 17.14
CA ASN A 379 -7.52 -21.50 17.00
C ASN A 379 -8.39 -20.24 16.83
N VAL A 380 -8.09 -19.16 17.55
CA VAL A 380 -8.86 -17.87 17.46
C VAL A 380 -8.74 -17.31 16.04
N LEU A 381 -7.52 -17.16 15.52
CA LEU A 381 -7.25 -16.54 14.20
C LEU A 381 -7.70 -17.46 13.05
N ALA A 382 -7.58 -18.78 13.22
CA ALA A 382 -7.80 -19.78 12.14
C ALA A 382 -9.30 -20.02 11.91
N HIS A 383 -10.13 -19.75 12.93
CA HIS A 383 -11.59 -20.01 12.89
C HIS A 383 -12.40 -18.72 12.91
N ALA A 384 -11.89 -17.69 12.24
CA ALA A 384 -12.52 -16.36 12.08
C ALA A 384 -12.95 -15.78 13.44
N GLY A 385 -12.18 -16.06 14.50
CA GLY A 385 -12.43 -15.56 15.87
C GLY A 385 -13.58 -16.28 16.56
N LEU A 386 -14.24 -17.22 15.88
CA LEU A 386 -15.36 -18.03 16.45
C LEU A 386 -14.77 -19.30 17.09
N GLU A 387 -13.82 -19.12 18.01
CA GLU A 387 -13.14 -20.22 18.76
C GLU A 387 -14.15 -20.80 19.75
N ALA A 388 -14.10 -22.12 19.94
CA ALA A 388 -15.16 -22.92 20.62
C ALA A 388 -15.27 -22.55 22.11
N ASN A 389 -14.19 -22.08 22.73
CA ASN A 389 -14.08 -21.89 24.20
C ASN A 389 -14.43 -20.46 24.60
N VAL A 390 -14.71 -19.56 23.65
CA VAL A 390 -14.95 -18.12 23.92
C VAL A 390 -16.35 -17.69 23.43
N VAL A 391 -16.91 -18.37 22.43
CA VAL A 391 -18.24 -18.01 21.83
C VAL A 391 -19.34 -18.78 22.56
N GLU A 392 -20.47 -18.12 22.80
CA GLU A 392 -21.73 -18.69 23.34
C GLU A 392 -22.78 -18.63 22.21
N VAL A 393 -23.63 -19.66 22.13
CA VAL A 393 -24.64 -19.84 21.04
C VAL A 393 -26.03 -19.85 21.68
N SER A 394 -27.02 -19.23 21.01
CA SER A 394 -28.44 -19.21 21.43
C SER A 394 -29.34 -19.33 20.19
N MET A 395 -30.15 -20.40 20.14
CA MET A 395 -31.18 -20.62 19.09
C MET A 395 -32.54 -20.20 19.63
N GLU A 396 -33.06 -19.06 19.16
CA GLU A 396 -34.48 -18.63 19.34
C GLU A 396 -35.38 -19.72 18.75
N ALA A 397 -36.41 -20.16 19.48
CA ALA A 397 -37.30 -21.27 19.10
C ALA A 397 -38.22 -20.83 17.95
N TRP A 398 -38.46 -21.73 16.99
CA TRP A 398 -39.43 -21.52 15.88
C TRP A 398 -39.95 -22.88 15.40
N GLU A 399 -41.06 -22.87 14.64
CA GLU A 399 -41.67 -24.08 14.02
C GLU A 399 -41.05 -24.27 12.64
N PRO A 400 -40.04 -25.15 12.48
CA PRO A 400 -39.35 -25.30 11.20
C PRO A 400 -40.22 -26.01 10.16
N LYS A 401 -40.27 -25.46 8.94
CA LYS A 401 -40.82 -26.14 7.73
C LYS A 401 -39.70 -26.27 6.68
N ARG A 402 -38.79 -25.31 6.61
CA ARG A 402 -37.58 -25.33 5.75
C ARG A 402 -36.39 -24.80 6.57
N PRO A 403 -36.00 -25.55 7.61
CA PRO A 403 -34.99 -25.12 8.57
C PRO A 403 -33.65 -24.79 7.92
N GLU A 404 -33.42 -25.30 6.71
CA GLU A 404 -32.14 -25.00 6.02
C GLU A 404 -32.01 -23.49 5.77
N GLU A 405 -33.10 -22.79 5.46
CA GLU A 405 -32.93 -21.34 5.23
C GLU A 405 -33.31 -20.51 6.46
N GLU A 406 -34.02 -21.05 7.44
CA GLU A 406 -34.43 -20.15 8.55
C GLU A 406 -33.55 -20.26 9.80
N ALA A 407 -32.64 -21.22 9.86
CA ALA A 407 -31.77 -21.39 11.05
C ALA A 407 -30.84 -20.18 11.21
N GLY A 408 -30.34 -19.66 10.10
CA GLY A 408 -29.38 -18.54 10.06
C GLY A 408 -29.89 -17.32 10.82
N ARG A 409 -31.17 -16.96 10.63
CA ARG A 409 -31.82 -15.77 11.25
C ARG A 409 -32.05 -16.01 12.75
N HIS A 410 -32.27 -17.27 13.14
CA HIS A 410 -32.72 -17.66 14.52
C HIS A 410 -31.54 -18.10 15.39
N THR A 411 -30.33 -18.21 14.83
CA THR A 411 -29.09 -18.63 15.55
C THR A 411 -28.21 -17.40 15.80
N HIS A 412 -27.84 -17.16 17.06
CA HIS A 412 -27.12 -15.95 17.54
C HIS A 412 -25.81 -16.35 18.22
N LEU A 413 -24.74 -15.58 17.98
CA LEU A 413 -23.40 -15.79 18.58
C LEU A 413 -23.01 -14.56 19.41
N LYS A 414 -22.19 -14.79 20.43
CA LYS A 414 -21.87 -13.82 21.51
C LYS A 414 -20.58 -14.29 22.19
N TYR A 415 -19.58 -13.41 22.29
CA TYR A 415 -18.37 -13.65 23.12
C TYR A 415 -18.79 -13.62 24.58
N THR A 416 -18.35 -14.61 25.37
CA THR A 416 -18.53 -14.64 26.85
C THR A 416 -17.72 -13.49 27.43
N PRO A 417 -18.07 -12.94 28.62
CA PRO A 417 -17.34 -11.80 29.17
C PRO A 417 -15.86 -12.15 29.36
N VAL A 418 -15.56 -13.39 29.76
CA VAL A 418 -14.19 -13.94 29.90
C VAL A 418 -13.60 -14.15 28.50
N GLY A 419 -14.36 -14.79 27.60
CA GLY A 419 -13.95 -15.10 26.22
C GLY A 419 -13.50 -13.86 25.46
N LEU A 420 -14.28 -12.77 25.56
CA LEU A 420 -14.01 -11.50 24.83
C LEU A 420 -12.62 -10.96 25.21
N LYS A 421 -12.26 -11.04 26.51
CA LYS A 421 -10.98 -10.50 27.05
C LYS A 421 -9.80 -11.36 26.57
N LYS A 422 -10.00 -12.67 26.44
CA LYS A 422 -8.98 -13.61 25.88
C LYS A 422 -8.76 -13.29 24.41
N VAL A 423 -9.83 -13.02 23.66
CA VAL A 423 -9.80 -12.67 22.21
C VAL A 423 -9.11 -11.32 22.05
N GLU A 424 -9.44 -10.34 22.90
CA GLU A 424 -8.86 -8.96 22.89
C GLU A 424 -7.34 -9.05 23.02
N ASP A 425 -6.84 -9.79 24.02
CA ASP A 425 -5.38 -9.96 24.30
C ASP A 425 -4.69 -10.57 23.08
N ILE A 426 -5.26 -11.65 22.53
CA ILE A 426 -4.70 -12.42 21.37
C ILE A 426 -4.64 -11.51 20.15
N VAL A 427 -5.76 -10.84 19.81
CA VAL A 427 -5.90 -10.02 18.57
C VAL A 427 -5.04 -8.76 18.71
N SER A 428 -5.01 -8.15 19.90
CA SER A 428 -4.15 -6.99 20.24
C SER A 428 -2.67 -7.37 20.05
N ARG A 429 -2.23 -8.46 20.70
CA ARG A 429 -0.84 -8.96 20.66
C ARG A 429 -0.43 -9.29 19.22
N ALA A 430 -1.31 -9.94 18.45
CA ALA A 430 -1.07 -10.38 17.06
C ALA A 430 -0.95 -9.16 16.13
N LEU A 431 -1.76 -8.13 16.36
CA LEU A 431 -1.72 -6.85 15.59
C LEU A 431 -0.38 -6.15 15.84
N LYS A 432 0.12 -6.20 17.08
CA LYS A 432 1.38 -5.54 17.52
C LYS A 432 2.60 -6.34 17.02
N GLU A 433 2.46 -7.67 16.92
CA GLU A 433 3.55 -8.59 16.48
C GLU A 433 3.67 -8.58 14.95
N SER A 434 2.60 -8.21 14.23
CA SER A 434 2.53 -8.20 12.75
C SER A 434 3.04 -6.87 12.18
N HIS A 435 3.10 -5.81 13.00
CA HIS A 435 3.63 -4.47 12.63
C HIS A 435 5.16 -4.49 12.65
N MET B 3 21.25 -4.10 5.76
CA MET B 3 21.81 -3.44 4.53
C MET B 3 21.06 -2.11 4.30
N LYS B 4 21.77 -0.98 4.45
CA LYS B 4 21.21 0.39 4.30
C LYS B 4 21.35 0.84 2.84
N LEU B 5 20.26 1.34 2.25
CA LEU B 5 20.20 1.87 0.86
C LEU B 5 19.79 3.34 0.89
N LEU B 6 20.39 4.15 0.01
CA LEU B 6 20.10 5.61 -0.16
C LEU B 6 19.76 5.89 -1.63
N VAL B 7 18.56 6.42 -1.89
CA VAL B 7 18.08 6.80 -3.26
C VAL B 7 17.76 8.31 -3.23
N VAL B 8 18.18 9.04 -4.27
CA VAL B 8 18.01 10.52 -4.38
C VAL B 8 17.38 10.85 -5.73
N SER B 9 16.45 11.81 -5.76
CA SER B 9 15.75 12.31 -6.97
C SER B 9 16.38 13.64 -7.40
N TRP B 10 17.02 13.66 -8.58
CA TRP B 10 17.81 14.80 -9.11
C TRP B 10 17.17 15.36 -10.39
N GLY B 11 17.30 16.67 -10.60
CA GLY B 11 16.91 17.37 -11.84
C GLY B 11 18.13 17.83 -12.63
N ASP B 12 18.33 19.15 -12.74
CA ASP B 12 19.53 19.78 -13.38
C ASP B 12 20.49 20.19 -12.26
N PHE B 13 21.55 19.40 -12.05
CA PHE B 13 22.41 19.41 -10.84
C PHE B 13 23.48 20.51 -10.92
N GLU B 14 23.62 21.18 -12.07
CA GLU B 14 24.62 22.26 -12.29
C GLU B 14 24.09 23.59 -11.78
N ARG B 15 22.79 23.86 -11.97
CA ARG B 15 22.15 25.18 -11.70
C ARG B 15 21.98 25.42 -10.19
N TRP B 16 22.35 24.44 -9.33
CA TRP B 16 22.27 24.57 -7.86
C TRP B 16 23.45 25.41 -7.35
N LYS B 17 23.20 26.26 -6.35
CA LYS B 17 24.19 27.20 -5.75
C LYS B 17 24.85 26.54 -4.54
N GLU B 18 25.95 27.14 -4.06
CA GLU B 18 26.59 26.79 -2.76
C GLU B 18 25.65 27.20 -1.61
N THR B 19 25.34 26.27 -0.72
CA THR B 19 24.69 26.52 0.60
C THR B 19 25.33 25.57 1.63
N LYS B 20 25.06 25.76 2.92
CA LYS B 20 25.41 24.76 3.96
C LYS B 20 24.14 24.04 4.41
N TYR B 21 24.30 22.82 4.94
CA TYR B 21 23.21 21.90 5.34
C TYR B 21 23.42 21.42 6.78
N ARG B 22 22.34 21.30 7.56
CA ARG B 22 22.33 20.66 8.90
C ARG B 22 21.53 19.35 8.81
N PHE B 23 22.10 18.24 9.26
CA PHE B 23 21.47 16.90 9.26
C PHE B 23 22.08 16.00 10.34
N GLY B 24 21.25 15.59 11.31
CA GLY B 24 21.59 14.58 12.34
C GLY B 24 22.88 14.88 13.08
N GLY B 25 23.00 16.09 13.63
CA GLY B 25 24.15 16.53 14.44
C GLY B 25 25.45 16.60 13.63
N GLU B 26 25.34 16.90 12.34
CA GLU B 26 26.48 17.17 11.42
C GLU B 26 26.15 18.40 10.56
N THR B 27 27.15 18.92 9.84
CA THR B 27 27.03 20.13 8.98
C THR B 27 27.92 19.97 7.75
N SER B 28 27.55 20.59 6.63
CA SER B 28 28.23 20.46 5.32
C SER B 28 28.00 21.71 4.45
N VAL B 29 28.97 22.04 3.60
CA VAL B 29 28.92 23.14 2.60
C VAL B 29 28.97 22.51 1.20
N GLY B 30 28.15 22.99 0.27
CA GLY B 30 28.17 22.54 -1.14
C GLY B 30 26.84 22.72 -1.85
N PRO B 31 26.72 22.21 -3.10
CA PRO B 31 25.55 22.44 -3.95
C PRO B 31 24.45 21.36 -3.88
N SER B 32 24.72 20.20 -3.26
CA SER B 32 23.74 19.09 -3.08
C SER B 32 23.89 18.46 -1.69
N THR B 33 22.86 17.72 -1.28
CA THR B 33 22.68 17.15 0.09
C THR B 33 23.37 15.79 0.20
N LEU B 34 23.95 15.28 -0.89
CA LEU B 34 24.36 13.86 -1.03
C LEU B 34 25.50 13.52 -0.08
N PRO B 35 26.59 14.34 0.00
CA PRO B 35 27.70 14.02 0.90
C PRO B 35 27.33 13.98 2.39
N ILE B 36 26.56 14.97 2.88
CA ILE B 36 26.13 15.04 4.32
C ILE B 36 25.15 13.90 4.61
N LEU B 37 24.30 13.54 3.64
CA LEU B 37 23.40 12.35 3.74
C LEU B 37 24.26 11.10 3.91
N GLN B 38 25.18 10.84 2.97
CA GLN B 38 26.15 9.71 2.99
C GLN B 38 26.91 9.68 4.33
N LYS B 39 27.32 10.86 4.82
CA LYS B 39 28.16 11.04 6.03
C LYS B 39 27.41 10.57 7.28
N VAL B 40 26.11 10.90 7.39
CA VAL B 40 25.24 10.54 8.56
C VAL B 40 24.68 9.13 8.33
N ILE B 41 24.06 8.90 7.18
CA ILE B 41 23.29 7.64 6.86
C ILE B 41 24.26 6.44 6.82
N LYS B 42 25.46 6.62 6.25
CA LYS B 42 26.47 5.55 6.07
C LYS B 42 25.92 4.46 5.16
N PRO B 43 25.47 4.79 3.93
CA PRO B 43 24.83 3.81 3.05
C PRO B 43 25.81 2.77 2.48
N ASP B 44 25.38 1.50 2.46
CA ASP B 44 26.11 0.38 1.81
C ASP B 44 25.99 0.53 0.28
N TRP B 45 25.01 1.30 -0.20
CA TRP B 45 24.89 1.69 -1.63
C TRP B 45 24.05 2.96 -1.79
N THR B 46 24.33 3.73 -2.85
CA THR B 46 23.63 4.97 -3.25
C THR B 46 23.05 4.80 -4.67
N VAL B 47 21.83 5.28 -4.90
CA VAL B 47 21.20 5.36 -6.25
C VAL B 47 20.85 6.82 -6.54
N ILE B 48 21.05 7.27 -7.78
CA ILE B 48 20.75 8.65 -8.27
C ILE B 48 19.81 8.53 -9.48
N VAL B 49 18.59 9.06 -9.35
CA VAL B 49 17.57 9.07 -10.45
C VAL B 49 17.52 10.48 -11.05
N LEU B 50 17.84 10.59 -12.34
CA LEU B 50 17.88 11.85 -13.12
C LEU B 50 16.86 11.79 -14.25
N SER B 51 16.39 12.95 -14.72
CA SER B 51 15.69 13.13 -16.02
C SER B 51 16.75 13.16 -17.13
N ASP B 52 16.55 12.39 -18.20
CA ASP B 52 17.47 12.31 -19.37
C ASP B 52 17.33 13.56 -20.23
N THR B 53 16.39 14.45 -19.87
CA THR B 53 16.08 15.71 -20.59
C THR B 53 17.25 16.70 -20.50
N ILE B 54 18.19 16.48 -19.58
CA ILE B 54 19.39 17.35 -19.37
C ILE B 54 20.46 17.03 -20.43
N GLY B 55 20.32 15.90 -21.15
CA GLY B 55 21.22 15.50 -22.26
C GLY B 55 21.22 16.53 -23.38
N LYS B 56 22.42 16.82 -23.93
CA LYS B 56 22.66 17.97 -24.87
C LYS B 56 23.06 17.46 -26.27
N ASP B 57 23.94 16.45 -26.36
CA ASP B 57 24.48 15.92 -27.64
C ASP B 57 23.56 14.84 -28.18
N PHE B 58 23.00 15.04 -29.38
CA PHE B 58 21.81 14.31 -29.91
C PHE B 58 22.15 13.38 -31.08
N SER B 59 23.42 13.00 -31.27
CA SER B 59 23.85 12.09 -32.37
C SER B 59 22.92 10.86 -32.39
N SER B 60 22.76 10.19 -31.25
CA SER B 60 21.73 9.14 -30.99
C SER B 60 21.66 8.83 -29.48
N VAL B 61 20.93 7.77 -29.11
CA VAL B 61 20.48 7.50 -27.70
C VAL B 61 21.69 7.30 -26.79
N GLU B 62 22.77 6.67 -27.28
CA GLU B 62 23.97 6.31 -26.47
C GLU B 62 24.83 7.56 -26.21
N THR B 63 24.65 8.64 -26.99
CA THR B 63 25.35 9.94 -26.80
C THR B 63 24.46 10.91 -26.00
N LEU B 64 23.30 10.43 -25.53
CA LEU B 64 22.45 11.13 -24.52
C LEU B 64 22.71 10.52 -23.14
N ARG B 65 22.69 9.19 -23.03
CA ARG B 65 22.94 8.44 -21.78
C ARG B 65 24.44 8.47 -21.45
N GLU B 66 25.29 8.81 -22.42
CA GLU B 66 26.75 9.08 -22.21
C GLU B 66 26.92 10.50 -21.66
N ASP B 67 26.51 11.51 -22.43
CA ASP B 67 26.57 12.95 -22.07
C ASP B 67 26.17 13.12 -20.60
N VAL B 68 25.00 12.59 -20.22
CA VAL B 68 24.40 12.74 -18.87
C VAL B 68 25.25 11.98 -17.85
N ARG B 69 25.65 10.73 -18.14
CA ARG B 69 26.46 9.91 -17.19
C ARG B 69 27.84 10.55 -17.01
N ASN B 70 28.44 11.08 -18.08
CA ASN B 70 29.68 11.88 -18.04
C ASN B 70 29.56 12.97 -16.98
N ARG B 71 28.57 13.85 -17.13
CA ARG B 71 28.44 15.12 -16.35
C ARG B 71 27.95 14.81 -14.93
N VAL B 72 27.25 13.68 -14.73
CA VAL B 72 26.89 13.17 -13.38
C VAL B 72 28.18 12.76 -12.66
N MET B 73 29.08 12.04 -13.34
CA MET B 73 30.33 11.48 -12.75
C MET B 73 31.34 12.61 -12.47
N ASP B 74 31.30 13.70 -13.26
CA ASP B 74 32.13 14.92 -13.02
C ASP B 74 31.68 15.60 -11.72
N PHE B 75 30.36 15.75 -11.56
CA PHE B 75 29.71 16.44 -10.41
C PHE B 75 29.89 15.62 -9.13
N LEU B 76 30.01 14.28 -9.25
CA LEU B 76 30.15 13.36 -8.09
C LEU B 76 31.62 13.26 -7.65
N ASP B 77 32.56 13.74 -8.49
CA ASP B 77 33.98 13.95 -8.11
C ASP B 77 34.13 15.29 -7.39
N ARG B 78 33.33 16.29 -7.77
CA ARG B 78 33.39 17.68 -7.27
C ARG B 78 33.01 17.75 -5.79
N ILE B 79 32.16 16.84 -5.29
CA ILE B 79 31.67 16.84 -3.87
C ILE B 79 31.94 15.48 -3.19
N GLY B 80 32.72 14.59 -3.82
CA GLY B 80 33.17 13.33 -3.22
C GLY B 80 32.02 12.44 -2.77
N ALA B 81 31.31 11.90 -3.76
CA ALA B 81 30.16 11.00 -3.55
C ALA B 81 30.64 9.55 -3.60
N GLY B 82 31.93 9.34 -3.85
CA GLY B 82 32.47 7.96 -3.85
C GLY B 82 32.19 7.20 -5.13
N ARG B 83 32.54 5.91 -5.15
CA ARG B 83 32.31 5.07 -6.34
C ARG B 83 31.13 4.13 -6.13
N GLU B 84 30.59 4.09 -4.92
CA GLU B 84 29.40 3.25 -4.63
C GLU B 84 28.15 4.04 -5.04
N VAL B 85 27.92 4.17 -6.33
CA VAL B 85 26.73 4.92 -6.82
C VAL B 85 26.19 4.22 -8.06
N ASP B 86 24.87 4.14 -8.18
CA ASP B 86 24.17 3.66 -9.40
C ASP B 86 23.50 4.89 -9.98
N VAL B 87 23.45 5.01 -11.29
CA VAL B 87 22.89 6.24 -11.94
C VAL B 87 21.81 5.82 -12.93
N ILE B 88 20.54 6.11 -12.61
CA ILE B 88 19.36 5.79 -13.46
C ILE B 88 18.99 7.05 -14.24
N ILE B 89 19.18 7.00 -15.56
CA ILE B 89 18.89 8.12 -16.51
C ILE B 89 17.47 7.90 -17.06
N ALA B 90 16.47 8.18 -16.22
CA ALA B 90 15.02 7.93 -16.50
C ALA B 90 14.57 8.79 -17.67
N PRO B 91 13.66 8.28 -18.53
CA PRO B 91 13.20 9.03 -19.70
C PRO B 91 12.20 10.14 -19.34
N GLY B 92 12.63 11.40 -19.49
CA GLY B 92 11.79 12.59 -19.26
C GLY B 92 11.15 13.08 -20.55
N ILE B 93 10.21 14.03 -20.47
CA ILE B 93 9.52 14.64 -21.63
C ILE B 93 9.47 16.16 -21.48
N GLY B 94 9.23 16.88 -22.58
CA GLY B 94 9.07 18.34 -22.64
C GLY B 94 9.72 18.95 -23.87
N GLU B 95 9.63 20.28 -24.01
CA GLU B 95 10.20 21.08 -25.12
C GLU B 95 11.17 22.11 -24.53
N PHE B 96 12.48 21.87 -24.64
CA PHE B 96 13.53 22.52 -23.80
C PHE B 96 14.41 23.46 -24.64
N THR B 97 15.27 24.20 -23.94
CA THR B 97 16.23 25.20 -24.48
C THR B 97 17.14 24.52 -25.52
N HIS B 98 17.65 23.32 -25.22
CA HIS B 98 18.73 22.64 -25.98
C HIS B 98 18.24 21.33 -26.60
N GLY B 99 16.94 21.04 -26.56
CA GLY B 99 16.37 19.80 -27.13
C GLY B 99 14.88 19.65 -26.90
N SER B 100 14.31 18.55 -27.39
CA SER B 100 12.86 18.21 -27.33
C SER B 100 12.69 16.70 -27.16
N PHE B 101 12.02 16.26 -26.08
CA PHE B 101 11.79 14.83 -25.73
C PHE B 101 10.28 14.58 -25.68
N ARG B 102 9.77 13.69 -26.56
CA ARG B 102 8.34 13.31 -26.64
C ARG B 102 8.17 11.84 -26.23
N GLY B 103 6.98 11.47 -25.75
CA GLY B 103 6.64 10.11 -25.28
C GLY B 103 5.56 10.12 -24.22
N SER B 104 5.30 8.95 -23.61
CA SER B 104 4.36 8.77 -22.49
C SER B 104 5.00 9.31 -21.20
N ALA B 105 4.23 10.01 -20.37
CA ALA B 105 4.65 10.56 -19.06
C ALA B 105 4.97 9.42 -18.09
N MET B 106 4.29 8.28 -18.25
CA MET B 106 4.35 7.12 -17.32
C MET B 106 5.55 6.21 -17.62
N ASP B 107 6.26 6.43 -18.74
CA ASP B 107 7.44 5.62 -19.15
C ASP B 107 8.55 5.74 -18.10
N ALA B 108 8.66 6.89 -17.43
CA ALA B 108 9.65 7.13 -16.35
C ALA B 108 9.41 6.16 -15.19
N TYR B 109 8.15 5.96 -14.80
CA TYR B 109 7.73 5.04 -13.70
C TYR B 109 8.25 3.63 -13.99
N TYR B 110 7.89 3.07 -15.15
CA TYR B 110 8.18 1.68 -15.56
C TYR B 110 9.68 1.46 -15.73
N TYR B 111 10.39 2.46 -16.28
CA TYR B 111 11.86 2.44 -16.51
C TYR B 111 12.59 2.45 -15.14
N VAL B 112 12.15 3.31 -14.21
CA VAL B 112 12.74 3.43 -12.85
C VAL B 112 12.38 2.18 -12.05
N LEU B 113 11.12 1.73 -12.11
CA LEU B 113 10.65 0.46 -11.49
C LEU B 113 11.59 -0.67 -11.94
N HIS B 114 11.79 -0.82 -13.25
CA HIS B 114 12.69 -1.83 -13.89
C HIS B 114 14.12 -1.66 -13.37
N ALA B 115 14.66 -0.44 -13.43
CA ALA B 115 16.02 -0.08 -12.99
C ALA B 115 16.20 -0.44 -11.51
N LEU B 116 15.23 -0.06 -10.66
CA LEU B 116 15.26 -0.28 -9.19
C LEU B 116 15.17 -1.78 -8.87
N SER B 117 14.43 -2.54 -9.68
CA SER B 117 14.18 -4.00 -9.49
C SER B 117 15.50 -4.78 -9.56
N GLU B 118 16.50 -4.26 -10.27
CA GLU B 118 17.82 -4.92 -10.48
C GLU B 118 18.84 -4.47 -9.42
N ILE B 119 18.63 -3.31 -8.78
CA ILE B 119 19.58 -2.71 -7.80
C ILE B 119 19.25 -3.19 -6.38
N ILE B 120 17.99 -3.04 -5.96
CA ILE B 120 17.54 -3.28 -4.54
C ILE B 120 17.89 -4.71 -4.16
N PRO B 121 18.57 -4.94 -3.01
CA PRO B 121 18.92 -6.30 -2.59
C PRO B 121 17.68 -7.16 -2.31
N THR B 122 17.75 -8.45 -2.65
CA THR B 122 16.62 -9.43 -2.57
C THR B 122 16.91 -10.44 -1.45
N LYS B 123 17.85 -10.13 -0.55
CA LYS B 123 18.17 -10.92 0.66
C LYS B 123 18.38 -9.96 1.84
N GLY B 124 18.05 -10.39 3.06
CA GLY B 124 18.31 -9.66 4.31
C GLY B 124 17.42 -8.44 4.48
N ASP B 125 17.50 -7.80 5.65
CA ASP B 125 16.68 -6.62 6.05
C ASP B 125 17.14 -5.40 5.24
N LEU B 126 16.25 -4.41 5.07
CA LEU B 126 16.50 -3.19 4.25
C LEU B 126 16.15 -1.94 5.06
N GLU B 127 17.01 -0.92 4.99
CA GLU B 127 16.82 0.43 5.58
C GLU B 127 16.97 1.46 4.46
N VAL B 128 15.87 1.74 3.74
CA VAL B 128 15.86 2.60 2.52
C VAL B 128 15.73 4.06 2.94
N HIS B 129 16.64 4.90 2.45
CA HIS B 129 16.68 6.37 2.67
C HIS B 129 16.42 7.07 1.33
N PHE B 130 15.48 8.01 1.29
CA PHE B 130 14.99 8.67 0.05
C PHE B 130 15.00 10.19 0.24
N ASP B 131 15.55 10.92 -0.73
CA ASP B 131 15.74 12.39 -0.70
C ASP B 131 15.05 13.02 -1.91
N SER B 132 14.12 13.96 -1.66
CA SER B 132 13.29 14.64 -2.69
C SER B 132 13.70 16.11 -2.85
N THR B 133 14.72 16.56 -2.10
CA THR B 133 15.26 17.96 -2.09
C THR B 133 15.35 18.51 -3.52
N HIS B 134 16.06 17.80 -4.39
CA HIS B 134 16.56 18.28 -5.70
C HIS B 134 15.66 17.83 -6.85
N GLY B 135 14.52 17.20 -6.55
CA GLY B 135 13.72 16.44 -7.54
C GLY B 135 12.84 17.34 -8.39
N LEU B 136 12.61 16.94 -9.65
CA LEU B 136 11.50 17.43 -10.50
C LEU B 136 10.19 16.96 -9.87
N ASN B 137 9.06 17.58 -10.22
CA ASN B 137 7.73 17.24 -9.63
C ASN B 137 7.38 15.77 -9.93
N TYR B 138 7.24 15.41 -11.21
CA TYR B 138 6.67 14.11 -11.64
C TYR B 138 7.68 12.97 -11.41
N VAL B 139 8.95 13.15 -11.77
CA VAL B 139 10.00 12.08 -11.68
C VAL B 139 10.15 11.64 -10.22
N THR B 140 10.15 12.59 -9.28
CA THR B 140 10.27 12.35 -7.81
C THR B 140 9.07 11.51 -7.33
N LEU B 141 7.87 11.88 -7.77
CA LEU B 141 6.59 11.25 -7.37
C LEU B 141 6.55 9.80 -7.89
N LEU B 142 6.98 9.58 -9.13
CA LEU B 142 6.98 8.24 -9.79
C LEU B 142 8.10 7.36 -9.21
N THR B 143 9.27 7.93 -8.93
CA THR B 143 10.41 7.23 -8.29
C THR B 143 10.00 6.77 -6.89
N TYR B 144 9.32 7.65 -6.13
CA TYR B 144 8.81 7.38 -4.76
C TYR B 144 7.84 6.20 -4.81
N ARG B 145 6.87 6.22 -5.75
CA ARG B 145 5.87 5.15 -5.94
C ARG B 145 6.57 3.85 -6.36
N ALA B 146 7.53 3.94 -7.29
CA ALA B 146 8.31 2.79 -7.81
C ALA B 146 9.07 2.11 -6.67
N LEU B 147 9.68 2.92 -5.79
CA LEU B 147 10.46 2.45 -4.61
C LEU B 147 9.51 1.70 -3.67
N LYS B 148 8.36 2.32 -3.34
CA LYS B 148 7.37 1.79 -2.36
C LYS B 148 6.75 0.49 -2.88
N ASP B 149 6.42 0.41 -4.17
CA ASP B 149 5.79 -0.78 -4.80
C ASP B 149 6.74 -1.98 -4.66
N LEU B 150 8.05 -1.78 -4.81
CA LEU B 150 9.08 -2.86 -4.77
C LEU B 150 9.37 -3.25 -3.32
N LEU B 151 9.53 -2.27 -2.42
CA LEU B 151 9.83 -2.50 -0.98
C LEU B 151 8.65 -3.23 -0.32
N GLY B 152 7.41 -2.94 -0.76
CA GLY B 152 6.19 -3.63 -0.32
C GLY B 152 6.27 -5.12 -0.56
N ILE B 153 6.86 -5.53 -1.69
CA ILE B 153 7.06 -6.96 -2.07
C ILE B 153 8.25 -7.51 -1.28
N ALA B 154 9.33 -6.74 -1.16
CA ALA B 154 10.54 -7.07 -0.37
C ALA B 154 10.14 -7.33 1.09
N ALA B 155 9.14 -6.57 1.58
CA ALA B 155 8.66 -6.61 2.99
C ALA B 155 8.00 -7.95 3.31
N VAL B 156 7.49 -8.67 2.29
CA VAL B 156 6.89 -10.04 2.44
C VAL B 156 7.87 -10.92 3.22
N MET B 157 9.16 -10.89 2.85
CA MET B 157 10.20 -11.84 3.33
C MET B 157 11.12 -11.20 4.37
N ASN B 158 11.34 -9.88 4.31
CA ASN B 158 12.38 -9.18 5.12
C ASN B 158 11.77 -7.97 5.83
N THR B 159 12.45 -7.45 6.84
CA THR B 159 12.09 -6.21 7.57
C THR B 159 12.56 -5.00 6.76
N VAL B 160 11.64 -4.13 6.37
CA VAL B 160 11.91 -2.95 5.49
C VAL B 160 11.46 -1.68 6.21
N THR B 161 12.42 -0.84 6.61
CA THR B 161 12.20 0.51 7.19
C THR B 161 12.54 1.54 6.11
N PHE B 162 11.69 2.54 5.92
CA PHE B 162 11.79 3.55 4.83
C PHE B 162 11.77 4.96 5.44
N TYR B 163 12.79 5.76 5.12
CA TYR B 163 12.92 7.19 5.52
C TYR B 163 12.90 8.06 4.26
N ALA B 164 12.17 9.18 4.29
CA ALA B 164 12.17 10.21 3.23
C ALA B 164 12.60 11.55 3.84
N TYR B 165 13.35 12.34 3.05
CA TYR B 165 13.93 13.64 3.46
C TYR B 165 13.61 14.71 2.41
N ASN B 166 13.41 15.94 2.87
CA ASN B 166 13.40 17.17 2.03
C ASN B 166 13.86 18.34 2.92
N SER B 167 14.82 19.12 2.43
CA SER B 167 15.49 20.21 3.18
C SER B 167 14.54 21.41 3.27
N ASP B 168 14.83 22.37 4.17
CA ASP B 168 14.17 23.70 4.16
C ASP B 168 14.24 24.22 2.73
N PRO B 169 13.23 24.98 2.24
CA PRO B 169 13.28 25.51 0.88
C PRO B 169 14.45 26.49 0.73
N PHE B 170 15.39 26.20 -0.19
CA PHE B 170 16.46 27.15 -0.61
C PHE B 170 15.80 28.41 -1.17
N VAL B 171 15.93 29.53 -0.45
CA VAL B 171 15.54 30.89 -0.93
C VAL B 171 16.82 31.71 -1.04
N PRO B 172 17.18 32.15 -2.26
CA PRO B 172 18.50 32.70 -2.54
C PRO B 172 18.87 33.91 -1.67
N LYS B 173 17.96 34.86 -1.49
CA LYS B 173 18.23 35.97 -0.56
C LYS B 173 17.98 35.47 0.86
N ILE B 174 18.68 36.01 1.85
CA ILE B 174 18.49 35.64 3.28
C ILE B 174 18.54 34.12 3.49
N THR B 175 19.49 33.43 2.88
CA THR B 175 19.59 31.97 3.17
C THR B 175 20.90 31.74 3.91
N LYS B 176 20.85 31.27 5.16
CA LYS B 176 22.09 31.04 5.94
C LYS B 176 22.44 29.55 5.92
N GLU B 177 21.48 28.70 6.28
CA GLU B 177 21.68 27.23 6.30
C GLU B 177 20.33 26.51 6.24
N LEU B 178 20.25 25.42 5.45
CA LEU B 178 19.02 24.61 5.23
C LEU B 178 19.10 23.32 6.06
N ASN B 179 18.02 23.01 6.79
CA ASN B 179 17.85 21.78 7.60
C ASN B 179 17.39 20.64 6.69
N ILE B 180 17.96 19.44 6.83
CA ILE B 180 17.49 18.18 6.18
C ILE B 180 16.36 17.60 7.04
N ASN B 181 15.11 17.95 6.72
CA ASN B 181 13.90 17.55 7.49
C ASN B 181 13.48 16.15 7.08
N THR B 182 13.20 15.28 8.06
CA THR B 182 12.59 13.94 7.85
C THR B 182 11.08 14.11 7.64
N ILE B 183 10.60 13.88 6.41
CA ILE B 183 9.18 14.10 6.01
C ILE B 183 8.38 12.80 6.18
N GLU B 184 9.06 11.66 6.36
CA GLU B 184 8.43 10.31 6.46
C GLU B 184 9.37 9.34 7.16
N THR B 185 8.82 8.51 8.05
CA THR B 185 9.50 7.36 8.71
C THR B 185 8.45 6.28 8.95
N THR B 186 8.50 5.18 8.18
CA THR B 186 7.47 4.12 8.17
C THR B 186 8.11 2.74 8.08
N MET B 187 7.53 1.77 8.80
CA MET B 187 7.82 0.31 8.69
C MET B 187 6.95 -0.25 7.57
N VAL B 188 7.57 -0.64 6.44
CA VAL B 188 6.88 -0.97 5.16
C VAL B 188 6.06 -2.26 5.36
N LYS B 189 4.75 -2.18 5.10
CA LYS B 189 3.79 -3.30 5.27
C LYS B 189 3.97 -4.29 4.13
N PRO B 190 4.03 -5.62 4.40
CA PRO B 190 4.20 -6.61 3.34
C PRO B 190 2.97 -6.66 2.42
N THR B 191 3.14 -6.21 1.17
CA THR B 191 2.10 -6.19 0.11
C THR B 191 2.55 -7.09 -1.04
N PRO B 192 2.14 -8.38 -1.03
CA PRO B 192 2.47 -9.29 -2.13
C PRO B 192 1.71 -8.85 -3.40
N LEU B 193 2.30 -9.08 -4.57
CA LEU B 193 1.68 -8.75 -5.89
C LEU B 193 0.23 -9.23 -5.91
N SER B 194 -0.72 -8.34 -6.21
CA SER B 194 -2.18 -8.58 -6.10
C SER B 194 -2.92 -8.10 -7.35
N GLU B 195 -2.29 -8.16 -8.52
CA GLU B 195 -2.90 -7.78 -9.82
C GLU B 195 -2.63 -8.87 -10.85
N PRO B 196 -3.64 -9.29 -11.63
CA PRO B 196 -3.43 -10.25 -12.71
C PRO B 196 -2.55 -9.66 -13.82
N LEU B 197 -1.98 -10.52 -14.66
CA LEU B 197 -1.37 -10.12 -15.96
C LEU B 197 -2.50 -9.68 -16.88
N PRO B 198 -2.42 -8.47 -17.50
CA PRO B 198 -3.49 -7.98 -18.37
C PRO B 198 -3.52 -8.68 -19.74
N GLY B 199 -4.43 -8.26 -20.61
CA GLY B 199 -4.47 -8.65 -22.03
C GLY B 199 -3.18 -8.28 -22.73
N PHE B 200 -2.79 -9.03 -23.77
CA PHE B 200 -1.50 -8.89 -24.49
C PHE B 200 -1.49 -7.60 -25.32
N ASP B 201 -2.51 -6.77 -25.12
CA ASP B 201 -2.57 -5.34 -25.55
C ASP B 201 -1.53 -4.51 -24.79
N GLU B 202 -1.52 -4.63 -23.46
CA GLU B 202 -0.97 -3.59 -22.53
C GLU B 202 0.40 -3.96 -21.97
N TYR B 203 1.31 -4.51 -22.79
CA TYR B 203 2.73 -4.75 -22.40
C TYR B 203 3.60 -3.65 -23.00
N LEU B 204 3.41 -3.39 -24.30
CA LEU B 204 3.90 -2.18 -25.02
C LEU B 204 2.72 -1.55 -25.78
N CYS B 205 2.56 -0.23 -25.68
CA CYS B 205 1.54 0.56 -26.43
C CYS B 205 2.25 1.50 -27.40
N PRO B 206 1.68 1.74 -28.61
CA PRO B 206 2.25 2.71 -29.54
C PRO B 206 1.92 4.17 -29.15
N TYR B 207 2.94 4.96 -28.78
CA TYR B 207 2.79 6.42 -28.53
C TYR B 207 2.61 7.13 -29.87
N SER B 208 3.64 7.09 -30.72
CA SER B 208 3.65 7.67 -32.09
C SER B 208 4.12 6.61 -33.08
N MET B 209 3.36 5.52 -33.21
CA MET B 209 3.60 4.44 -34.21
C MET B 209 2.28 4.13 -34.93
N GLU B 210 2.29 4.29 -36.26
CA GLU B 210 1.17 3.90 -37.16
C GLU B 210 0.74 2.48 -36.81
N ARG B 211 -0.57 2.26 -36.64
CA ARG B 211 -1.15 1.09 -35.93
C ARG B 211 -0.88 -0.21 -36.71
N ALA B 212 -0.65 -0.12 -38.02
CA ALA B 212 -0.26 -1.27 -38.88
C ALA B 212 1.17 -1.72 -38.54
N GLU B 213 2.06 -0.79 -38.18
CA GLU B 213 3.49 -1.08 -37.84
C GLU B 213 3.57 -1.75 -36.47
N PHE B 214 2.78 -1.29 -35.49
CA PHE B 214 2.74 -1.82 -34.11
C PHE B 214 2.33 -3.30 -34.12
N VAL B 215 1.31 -3.65 -34.92
CA VAL B 215 0.75 -5.02 -35.03
C VAL B 215 1.82 -5.96 -35.62
N ARG B 216 2.58 -5.47 -36.61
CA ARG B 216 3.73 -6.20 -37.21
C ARG B 216 4.73 -6.56 -36.11
N LEU B 217 5.09 -5.57 -35.29
CA LEU B 217 6.14 -5.66 -34.25
C LEU B 217 5.66 -6.58 -33.12
N LYS B 218 4.47 -6.31 -32.57
CA LYS B 218 3.82 -7.13 -31.52
C LYS B 218 3.80 -8.60 -31.96
N GLY B 219 3.70 -8.85 -33.27
CA GLY B 219 3.67 -10.19 -33.88
C GLY B 219 5.01 -10.92 -33.80
N SER B 220 6.13 -10.19 -33.87
CA SER B 220 7.50 -10.75 -33.90
C SER B 220 8.05 -11.01 -32.49
N LEU B 221 7.37 -10.52 -31.45
CA LEU B 221 7.77 -10.67 -30.03
C LEU B 221 7.50 -12.11 -29.57
N ASN B 222 8.54 -12.82 -29.11
CA ASN B 222 8.44 -14.18 -28.52
C ASN B 222 7.75 -14.12 -27.15
N THR B 223 7.88 -12.99 -26.46
CA THR B 223 7.37 -12.75 -25.07
C THR B 223 5.85 -12.97 -25.02
N LEU B 224 5.10 -12.29 -25.88
CA LEU B 224 3.60 -12.32 -25.87
C LEU B 224 3.10 -13.71 -26.23
N LYS B 225 3.78 -14.41 -27.15
CA LYS B 225 3.43 -15.79 -27.59
C LYS B 225 3.73 -16.77 -26.45
N ASN B 226 4.74 -16.49 -25.62
CA ASN B 226 5.19 -17.37 -24.50
C ASN B 226 4.29 -17.15 -23.28
N LEU B 227 3.82 -15.92 -23.05
CA LEU B 227 2.88 -15.59 -21.93
C LEU B 227 1.51 -16.21 -22.20
N ARG B 228 1.05 -16.19 -23.46
CA ARG B 228 -0.19 -16.85 -23.94
C ARG B 228 -0.40 -18.17 -23.17
N LYS B 229 0.64 -19.02 -23.17
CA LYS B 229 0.69 -20.30 -22.42
C LYS B 229 0.68 -20.01 -20.91
N GLU B 230 1.66 -19.22 -20.45
CA GLU B 230 2.10 -19.15 -19.03
C GLU B 230 1.18 -18.26 -18.18
N LYS B 231 0.44 -17.33 -18.79
CA LYS B 231 -0.38 -16.30 -18.09
C LYS B 231 -1.09 -16.94 -16.89
N LYS B 232 -1.80 -18.05 -17.11
CA LYS B 232 -2.64 -18.74 -16.09
C LYS B 232 -1.74 -19.30 -14.98
N LYS B 233 -0.65 -19.98 -15.35
CA LYS B 233 0.29 -20.64 -14.38
C LYS B 233 1.00 -19.58 -13.53
N LEU B 234 1.20 -18.37 -14.05
CA LEU B 234 1.86 -17.25 -13.32
C LEU B 234 0.86 -16.58 -12.37
N GLU B 235 -0.37 -16.33 -12.83
CA GLU B 235 -1.45 -15.72 -12.02
C GLU B 235 -1.80 -16.66 -10.85
N ALA B 236 -1.74 -17.97 -11.07
CA ALA B 236 -1.94 -19.01 -10.03
C ALA B 236 -0.87 -18.85 -8.93
N TRP B 237 0.39 -18.62 -9.32
CA TRP B 237 1.52 -18.38 -8.39
C TRP B 237 1.29 -17.08 -7.62
N ILE B 238 0.87 -16.02 -8.32
CA ILE B 238 0.55 -14.69 -7.70
C ILE B 238 -0.52 -14.92 -6.63
N GLY B 239 -1.59 -15.63 -6.99
CA GLY B 239 -2.69 -16.00 -6.07
C GLY B 239 -2.18 -16.80 -4.87
N SER B 240 -1.18 -17.66 -5.08
CA SER B 240 -0.61 -18.56 -4.04
C SER B 240 -0.13 -17.75 -2.84
N LEU B 241 0.62 -16.66 -3.08
CA LEU B 241 1.17 -15.76 -2.02
C LEU B 241 0.02 -14.97 -1.38
N LEU B 242 -0.88 -14.44 -2.21
CA LEU B 242 -1.94 -13.49 -1.79
C LEU B 242 -2.98 -14.19 -0.90
N PHE B 243 -3.33 -15.44 -1.21
CA PHE B 243 -4.46 -16.19 -0.57
C PHE B 243 -3.99 -17.26 0.41
N GLY B 244 -2.68 -17.52 0.48
CA GLY B 244 -2.10 -18.49 1.43
C GLY B 244 -2.25 -19.93 0.95
N LEU B 245 -1.64 -20.24 -0.20
CA LEU B 245 -1.70 -21.57 -0.87
C LEU B 245 -0.27 -22.08 -1.04
N PRO B 246 0.32 -22.73 -0.01
CA PRO B 246 1.75 -23.02 0.01
C PRO B 246 2.22 -24.09 -0.99
N LEU B 247 1.39 -25.10 -1.27
CA LEU B 247 1.73 -26.17 -2.25
C LEU B 247 1.71 -25.57 -3.66
N LEU B 248 0.73 -24.71 -3.95
CA LEU B 248 0.58 -24.02 -5.27
C LEU B 248 1.77 -23.07 -5.47
N PHE B 249 2.23 -22.42 -4.40
CA PHE B 249 3.43 -21.55 -4.38
C PHE B 249 4.64 -22.30 -4.95
N LEU B 250 4.87 -23.52 -4.45
CA LEU B 250 6.04 -24.36 -4.84
C LEU B 250 5.87 -24.87 -6.27
N GLU B 251 4.70 -25.44 -6.58
CA GLU B 251 4.43 -26.10 -7.89
C GLU B 251 4.39 -25.07 -9.02
N GLU B 252 3.85 -23.87 -8.77
CA GLU B 252 3.68 -22.82 -9.82
C GLU B 252 4.85 -21.82 -9.79
N PHE B 253 5.92 -22.10 -9.04
CA PHE B 253 7.06 -21.16 -8.88
C PHE B 253 7.63 -20.81 -10.26
N PRO B 254 7.69 -19.51 -10.62
CA PRO B 254 8.00 -19.11 -11.99
C PRO B 254 9.49 -19.24 -12.32
N ASP B 255 9.78 -19.37 -13.62
CA ASP B 255 11.16 -19.49 -14.19
C ASP B 255 11.76 -18.08 -14.27
N ILE B 256 12.74 -17.78 -13.40
CA ILE B 256 13.35 -16.42 -13.24
C ILE B 256 14.14 -16.06 -14.51
N GLY B 257 14.95 -17.00 -15.02
CA GLY B 257 15.70 -16.85 -16.29
C GLY B 257 14.77 -16.52 -17.45
N ARG B 258 13.58 -17.11 -17.46
CA ARG B 258 12.55 -16.93 -18.51
C ARG B 258 11.90 -15.55 -18.39
N LEU B 259 11.50 -15.15 -17.17
CA LEU B 259 10.93 -13.80 -16.87
C LEU B 259 11.95 -12.72 -17.21
N GLU B 260 13.23 -12.95 -16.84
CA GLU B 260 14.38 -12.06 -17.14
C GLU B 260 14.41 -11.74 -18.64
N SER B 261 14.16 -12.74 -19.48
CA SER B 261 14.27 -12.66 -20.97
C SER B 261 13.04 -11.97 -21.57
N TYR B 262 11.87 -12.09 -20.93
CA TYR B 262 10.62 -11.37 -21.33
C TYR B 262 10.84 -9.86 -21.15
N ILE B 263 11.29 -9.47 -19.94
CA ILE B 263 11.47 -8.05 -19.53
C ILE B 263 12.49 -7.39 -20.44
N GLU B 264 13.68 -8.01 -20.61
CA GLU B 264 14.80 -7.48 -21.42
C GLU B 264 14.35 -7.30 -22.88
N GLU B 265 13.46 -8.18 -23.37
CA GLU B 265 12.91 -8.10 -24.75
C GLU B 265 11.94 -6.92 -24.86
N LEU B 266 11.03 -6.76 -23.90
CA LEU B 266 10.06 -5.62 -23.86
C LEU B 266 10.84 -4.31 -23.68
N ALA B 267 11.94 -4.36 -22.91
CA ALA B 267 12.84 -3.21 -22.62
C ALA B 267 13.56 -2.77 -23.90
N GLU B 268 14.29 -3.68 -24.55
CA GLU B 268 15.17 -3.37 -25.72
C GLU B 268 14.31 -3.07 -26.96
N THR B 269 13.08 -3.60 -27.01
CA THR B 269 12.06 -3.28 -28.04
C THR B 269 11.65 -1.80 -27.90
N TRP B 270 11.31 -1.38 -26.67
CA TRP B 270 10.94 0.01 -26.30
C TRP B 270 12.06 0.97 -26.72
N GLY B 271 13.29 0.66 -26.31
CA GLY B 271 14.50 1.49 -26.59
C GLY B 271 14.82 1.53 -28.08
N GLY B 272 14.56 0.43 -28.80
CA GLY B 272 14.78 0.32 -30.26
C GLY B 272 13.74 1.08 -31.06
N ALA B 273 12.68 1.58 -30.41
CA ALA B 273 11.60 2.39 -31.01
C ALA B 273 11.75 3.86 -30.60
N ILE B 274 12.84 4.22 -29.92
CA ILE B 274 13.24 5.64 -29.64
C ILE B 274 13.93 6.19 -30.88
N ALA B 275 13.30 7.15 -31.57
CA ALA B 275 13.80 7.82 -32.79
C ALA B 275 14.43 9.16 -32.42
N VAL B 276 15.76 9.22 -32.39
CA VAL B 276 16.56 10.47 -32.19
C VAL B 276 16.83 11.10 -33.57
N ASN B 277 16.72 12.42 -33.66
CA ASN B 277 16.92 13.21 -34.91
C ASN B 277 17.95 14.31 -34.62
N ALA B 278 19.21 14.08 -35.00
CA ALA B 278 20.40 14.87 -34.60
C ALA B 278 20.20 16.36 -34.93
N GLU B 279 19.64 16.68 -36.10
CA GLU B 279 19.49 18.07 -36.61
C GLU B 279 18.34 18.76 -35.86
N GLU B 280 17.15 18.15 -35.84
CA GLU B 280 15.94 18.69 -35.18
C GLU B 280 16.11 18.68 -33.65
N LYS B 281 17.09 17.93 -33.14
CA LYS B 281 17.43 17.83 -31.69
C LYS B 281 16.21 17.32 -30.93
N ALA B 282 15.62 16.21 -31.38
CA ALA B 282 14.29 15.73 -30.95
C ALA B 282 14.29 14.21 -30.74
N VAL B 283 14.22 13.77 -29.48
CA VAL B 283 13.96 12.36 -29.06
C VAL B 283 12.44 12.12 -29.16
N THR B 284 12.03 10.96 -29.67
CA THR B 284 10.62 10.52 -29.75
C THR B 284 10.52 9.02 -29.40
N ARG B 285 9.89 8.71 -28.27
CA ARG B 285 9.71 7.33 -27.73
C ARG B 285 8.40 6.78 -28.30
N ARG B 286 8.47 6.16 -29.48
CA ARG B 286 7.28 5.79 -30.31
C ARG B 286 6.50 4.66 -29.64
N LEU B 287 7.16 3.87 -28.79
CA LEU B 287 6.53 2.83 -27.93
C LEU B 287 6.48 3.33 -26.48
N ALA B 288 5.38 3.04 -25.79
CA ALA B 288 5.17 3.32 -24.35
C ALA B 288 5.07 1.99 -23.59
N PHE B 289 5.65 1.92 -22.39
CA PHE B 289 5.49 0.81 -21.42
C PHE B 289 4.04 0.78 -20.93
N GLY B 290 3.41 -0.39 -20.96
CA GLY B 290 2.06 -0.64 -20.41
C GLY B 290 2.14 -1.27 -19.03
N SER B 291 1.01 -1.32 -18.31
CA SER B 291 0.90 -1.86 -16.93
C SER B 291 1.43 -3.30 -16.88
N GLY B 292 1.28 -4.05 -17.97
CA GLY B 292 1.78 -5.44 -18.14
C GLY B 292 3.28 -5.54 -17.92
N PHE B 293 4.05 -4.53 -18.37
CA PHE B 293 5.52 -4.46 -18.18
C PHE B 293 5.82 -4.31 -16.68
N GLY B 294 5.09 -3.42 -16.01
CA GLY B 294 5.20 -3.18 -14.55
C GLY B 294 4.94 -4.44 -13.74
N THR B 295 3.89 -5.19 -14.09
CA THR B 295 3.46 -6.43 -13.41
C THR B 295 4.56 -7.49 -13.52
N LEU B 296 5.18 -7.61 -14.71
CA LEU B 296 6.26 -8.60 -14.99
C LEU B 296 7.49 -8.26 -14.15
N VAL B 297 7.85 -6.98 -14.01
CA VAL B 297 9.00 -6.53 -13.19
C VAL B 297 8.74 -6.86 -11.72
N LYS B 298 7.53 -6.59 -11.24
CA LYS B 298 7.09 -6.86 -9.84
C LYS B 298 7.04 -8.38 -9.59
N LEU B 299 6.54 -9.13 -10.57
CA LEU B 299 6.46 -10.62 -10.54
C LEU B 299 7.87 -11.19 -10.43
N LEU B 300 8.80 -10.73 -11.27
CA LEU B 300 10.22 -11.18 -11.25
C LEU B 300 10.85 -10.88 -9.88
N PHE B 301 10.61 -9.67 -9.34
CA PHE B 301 11.19 -9.21 -8.07
C PHE B 301 10.68 -10.06 -6.90
N GLN B 302 9.38 -10.39 -6.91
CA GLN B 302 8.73 -11.25 -5.88
C GLN B 302 9.33 -12.66 -5.94
N ALA B 303 9.66 -13.14 -7.15
CA ALA B 303 10.27 -14.47 -7.39
C ALA B 303 11.70 -14.51 -6.82
N ARG B 304 12.49 -13.47 -7.07
CA ARG B 304 13.87 -13.30 -6.53
C ARG B 304 13.80 -13.24 -5.00
N ILE B 305 12.83 -12.51 -4.45
CA ILE B 305 12.64 -12.26 -3.00
C ILE B 305 12.33 -13.59 -2.29
N THR B 306 11.63 -14.52 -2.96
CA THR B 306 11.08 -15.77 -2.35
C THR B 306 11.77 -17.02 -2.92
N ARG B 307 12.84 -16.86 -3.72
CA ARG B 307 13.51 -17.99 -4.44
C ARG B 307 14.09 -19.00 -3.44
N GLY B 308 14.57 -18.53 -2.28
CA GLY B 308 15.19 -19.37 -1.23
C GLY B 308 14.25 -20.43 -0.69
N LEU B 309 12.93 -20.21 -0.79
CA LEU B 309 11.88 -21.08 -0.20
C LEU B 309 11.52 -22.25 -1.13
N LEU B 310 11.83 -22.16 -2.42
CA LEU B 310 11.55 -23.26 -3.39
C LEU B 310 12.39 -24.48 -3.00
N VAL B 311 11.83 -25.36 -2.15
CA VAL B 311 12.53 -26.53 -1.55
C VAL B 311 12.59 -27.66 -2.59
N GLU B 312 13.50 -28.62 -2.36
CA GLU B 312 13.64 -29.84 -3.21
C GLU B 312 12.42 -30.75 -3.01
N GLU B 313 12.00 -31.45 -4.07
CA GLU B 313 10.85 -32.38 -4.05
C GLU B 313 11.28 -33.67 -3.37
N PRO B 314 10.34 -34.50 -2.84
CA PRO B 314 8.91 -34.20 -2.87
C PRO B 314 8.54 -33.20 -1.76
N TYR B 315 7.32 -32.65 -1.82
CA TYR B 315 6.84 -31.55 -0.96
C TYR B 315 6.15 -32.12 0.28
N SER B 316 6.96 -32.36 1.33
CA SER B 316 6.54 -32.94 2.63
C SER B 316 5.75 -31.90 3.44
N ILE B 317 4.93 -32.38 4.39
CA ILE B 317 4.16 -31.54 5.35
C ILE B 317 5.16 -30.65 6.11
N GLU B 318 6.30 -31.22 6.51
CA GLU B 318 7.39 -30.52 7.26
C GLU B 318 7.89 -29.34 6.43
N LYS B 319 8.17 -29.56 5.14
CA LYS B 319 8.68 -28.52 4.21
C LYS B 319 7.60 -27.44 4.02
N LEU B 320 6.33 -27.85 3.85
CA LEU B 320 5.17 -26.94 3.66
C LEU B 320 5.00 -26.03 4.89
N TYR B 321 5.16 -26.58 6.11
CA TYR B 321 5.16 -25.79 7.37
C TYR B 321 6.26 -24.72 7.30
N SER B 322 7.49 -25.14 6.98
CA SER B 322 8.71 -24.30 6.90
C SER B 322 8.49 -23.13 5.92
N VAL B 323 8.02 -23.43 4.71
CA VAL B 323 7.67 -22.44 3.65
C VAL B 323 6.63 -21.47 4.21
N SER B 324 5.51 -22.02 4.70
CA SER B 324 4.34 -21.28 5.23
C SER B 324 4.76 -20.31 6.34
N ASP B 325 5.63 -20.77 7.24
CA ASP B 325 6.12 -20.00 8.42
C ASP B 325 6.87 -18.74 7.96
N ARG B 326 7.50 -18.77 6.79
CA ARG B 326 8.27 -17.62 6.22
C ARG B 326 7.34 -16.69 5.43
N LEU B 327 6.37 -17.25 4.70
CA LEU B 327 5.68 -16.59 3.57
C LEU B 327 4.41 -15.86 4.04
N PHE B 328 3.74 -16.38 5.08
CA PHE B 328 2.37 -15.96 5.50
C PHE B 328 2.38 -15.42 6.93
N ARG B 329 1.42 -14.53 7.24
CA ARG B 329 1.27 -13.82 8.53
C ARG B 329 -0.18 -13.88 9.01
N GLY B 330 -0.41 -13.45 10.25
CA GLY B 330 -1.75 -13.28 10.85
C GLY B 330 -2.61 -14.53 10.75
N SER B 331 -3.86 -14.39 10.30
CA SER B 331 -4.89 -15.46 10.24
C SER B 331 -4.53 -16.46 9.13
N THR B 332 -4.06 -15.97 7.98
CA THR B 332 -3.70 -16.80 6.79
C THR B 332 -2.69 -17.88 7.20
N LEU B 333 -1.69 -17.54 8.01
CA LEU B 333 -0.66 -18.49 8.51
C LEU B 333 -1.34 -19.58 9.34
N GLN B 334 -2.19 -19.19 10.28
CA GLN B 334 -2.86 -20.13 11.24
C GLN B 334 -3.81 -21.06 10.47
N ARG B 335 -4.55 -20.54 9.48
CA ARG B 335 -5.41 -21.34 8.57
C ARG B 335 -4.56 -22.46 7.95
N VAL B 336 -3.41 -22.10 7.38
CA VAL B 336 -2.47 -23.03 6.69
C VAL B 336 -1.93 -24.05 7.70
N ARG B 337 -1.53 -23.60 8.90
CA ARG B 337 -0.96 -24.45 9.98
C ARG B 337 -2.01 -25.46 10.43
N VAL B 338 -3.28 -25.05 10.55
CA VAL B 338 -4.42 -25.93 10.97
C VAL B 338 -4.66 -26.99 9.89
N GLU B 339 -4.53 -26.62 8.60
CA GLU B 339 -4.80 -27.52 7.45
C GLU B 339 -3.68 -28.57 7.31
N LEU B 340 -2.42 -28.17 7.48
CA LEU B 340 -1.25 -29.10 7.47
C LEU B 340 -1.32 -30.00 8.72
N GLY B 341 -1.81 -29.47 9.84
CA GLY B 341 -2.03 -30.20 11.10
C GLY B 341 -3.05 -31.32 10.96
N LYS B 342 -4.10 -31.11 10.15
CA LYS B 342 -5.18 -32.10 9.90
C LYS B 342 -4.59 -33.30 9.15
N ILE B 343 -3.80 -33.04 8.09
CA ILE B 343 -3.17 -34.06 7.21
C ILE B 343 -2.07 -34.77 8.00
N GLU B 344 -1.27 -34.03 8.76
CA GLU B 344 -0.19 -34.56 9.64
C GLU B 344 -0.78 -35.53 10.65
N ASP B 345 -1.78 -35.09 11.43
CA ASP B 345 -2.43 -35.88 12.52
C ASP B 345 -3.03 -37.17 11.95
N LYS B 346 -3.57 -37.11 10.73
CA LYS B 346 -4.11 -38.30 10.00
C LYS B 346 -2.95 -39.25 9.66
N ALA B 347 -1.86 -38.71 9.11
CA ALA B 347 -0.66 -39.46 8.69
C ALA B 347 -0.02 -40.16 9.91
N ILE B 348 -0.12 -39.55 11.10
CA ILE B 348 0.39 -40.15 12.38
C ILE B 348 -0.49 -41.35 12.73
N LYS B 349 -1.81 -41.18 12.72
CA LYS B 349 -2.81 -42.23 13.03
C LYS B 349 -2.57 -43.43 12.11
N TYR B 350 -2.27 -43.18 10.84
CA TYR B 350 -1.95 -44.22 9.82
C TYR B 350 -0.67 -44.96 10.22
N ALA B 351 0.40 -44.20 10.50
CA ALA B 351 1.75 -44.71 10.85
C ALA B 351 1.67 -45.63 12.08
N ARG B 352 0.83 -45.28 13.06
CA ARG B 352 0.62 -46.05 14.31
C ARG B 352 0.08 -47.45 14.00
N LYS B 353 -0.82 -47.58 13.03
CA LYS B 353 -1.46 -48.87 12.61
C LYS B 353 -0.53 -49.64 11.66
N GLY B 354 0.58 -49.03 11.23
CA GLY B 354 1.53 -49.62 10.27
C GLY B 354 1.07 -49.43 8.83
N ALA B 355 0.20 -48.44 8.59
CA ALA B 355 -0.37 -48.09 7.27
C ALA B 355 0.41 -46.91 6.67
N PHE B 356 0.79 -47.03 5.39
CA PHE B 356 1.49 -45.98 4.61
C PHE B 356 0.89 -45.92 3.21
N PRO B 357 -0.30 -45.27 3.04
CA PRO B 357 -0.93 -45.16 1.73
C PRO B 357 -0.05 -44.36 0.75
N ARG B 358 0.03 -44.82 -0.50
CA ARG B 358 0.83 -44.21 -1.59
C ARG B 358 -0.07 -43.88 -2.77
N ASP B 359 0.04 -42.67 -3.32
CA ASP B 359 -0.67 -42.23 -4.55
C ASP B 359 -2.18 -42.35 -4.31
N ILE B 360 -2.67 -41.77 -3.21
CA ILE B 360 -4.09 -41.79 -2.75
C ILE B 360 -4.63 -40.37 -2.80
N PRO B 361 -5.83 -40.12 -3.40
CA PRO B 361 -6.47 -38.80 -3.30
C PRO B 361 -6.67 -38.41 -1.82
N LEU B 362 -6.51 -37.12 -1.51
CA LEU B 362 -6.57 -36.57 -0.13
C LEU B 362 -7.94 -36.85 0.50
N ARG B 363 -9.01 -36.89 -0.31
CA ARG B 363 -10.39 -37.22 0.14
C ARG B 363 -10.41 -38.63 0.75
N ASP B 364 -9.72 -39.58 0.11
CA ASP B 364 -9.64 -40.99 0.56
C ASP B 364 -8.72 -41.08 1.78
N PHE B 365 -7.65 -40.27 1.81
CA PHE B 365 -6.68 -40.19 2.94
C PHE B 365 -7.39 -39.70 4.20
N LEU B 366 -8.29 -38.73 4.07
CA LEU B 366 -9.04 -38.11 5.19
C LEU B 366 -10.31 -38.93 5.48
N GLY B 367 -10.79 -39.71 4.51
CA GLY B 367 -11.97 -40.58 4.64
C GLY B 367 -13.26 -39.79 4.52
N PHE B 368 -13.70 -39.56 3.28
CA PHE B 368 -14.80 -38.61 2.91
C PHE B 368 -15.99 -39.38 2.30
N ASP B 369 -17.19 -38.82 2.50
CA ASP B 369 -18.45 -39.25 1.83
C ASP B 369 -18.28 -39.14 0.31
N ALA B 370 -19.15 -39.81 -0.45
CA ALA B 370 -19.27 -39.67 -1.92
C ALA B 370 -20.08 -38.41 -2.24
N ALA B 371 -20.10 -38.00 -3.51
CA ALA B 371 -20.88 -36.87 -4.07
C ALA B 371 -20.57 -35.56 -3.33
N ASN B 372 -19.28 -35.27 -3.12
CA ASN B 372 -18.75 -33.92 -2.82
C ASN B 372 -17.43 -33.78 -3.59
N ARG B 373 -17.46 -34.17 -4.88
CA ARG B 373 -16.27 -34.29 -5.77
C ARG B 373 -16.12 -33.02 -6.61
N GLU B 374 -17.14 -32.16 -6.64
CA GLU B 374 -17.10 -30.86 -7.37
C GLU B 374 -16.13 -29.91 -6.64
N VAL B 375 -15.23 -29.28 -7.39
CA VAL B 375 -14.11 -28.43 -6.86
C VAL B 375 -14.58 -26.97 -6.84
N SER B 376 -15.00 -26.49 -5.67
CA SER B 376 -15.52 -25.11 -5.46
C SER B 376 -14.38 -24.15 -5.15
N PRO B 377 -14.42 -22.90 -5.65
CA PRO B 377 -13.55 -21.83 -5.16
C PRO B 377 -13.53 -21.71 -3.62
N ARG B 378 -14.71 -21.81 -2.99
CA ARG B 378 -14.89 -21.75 -1.51
C ARG B 378 -13.88 -22.70 -0.85
N ASN B 379 -13.88 -23.97 -1.24
CA ASN B 379 -13.11 -25.06 -0.58
C ASN B 379 -11.62 -24.99 -0.92
N VAL B 380 -11.25 -24.45 -2.09
CA VAL B 380 -9.82 -24.32 -2.51
C VAL B 380 -9.19 -23.18 -1.71
N LEU B 381 -9.82 -22.00 -1.68
CA LEU B 381 -9.29 -20.80 -0.99
C LEU B 381 -9.35 -21.00 0.53
N ALA B 382 -10.44 -21.59 1.05
CA ALA B 382 -10.73 -21.70 2.49
C ALA B 382 -9.82 -22.74 3.16
N HIS B 383 -9.31 -23.71 2.40
CA HIS B 383 -8.49 -24.83 2.92
C HIS B 383 -7.03 -24.78 2.43
N ALA B 384 -6.49 -23.58 2.30
CA ALA B 384 -5.08 -23.32 1.94
C ALA B 384 -4.72 -24.02 0.62
N GLY B 385 -5.69 -24.14 -0.30
CA GLY B 385 -5.51 -24.78 -1.63
C GLY B 385 -5.27 -26.27 -1.54
N LEU B 386 -5.47 -26.87 -0.36
CA LEU B 386 -5.29 -28.33 -0.12
C LEU B 386 -6.68 -28.99 -0.11
N GLU B 387 -7.43 -28.81 -1.19
CA GLU B 387 -8.82 -29.34 -1.33
C GLU B 387 -8.74 -30.85 -1.62
N ALA B 388 -9.70 -31.61 -1.11
CA ALA B 388 -9.67 -33.09 -1.00
C ALA B 388 -9.67 -33.75 -2.38
N ASN B 389 -10.23 -33.10 -3.41
CA ASN B 389 -10.49 -33.67 -4.75
C ASN B 389 -9.35 -33.38 -5.72
N VAL B 390 -8.41 -32.49 -5.37
CA VAL B 390 -7.35 -31.98 -6.30
C VAL B 390 -5.95 -32.41 -5.81
N VAL B 391 -5.80 -32.81 -4.54
CA VAL B 391 -4.47 -33.14 -3.92
C VAL B 391 -4.35 -34.67 -3.78
N GLU B 392 -3.13 -35.18 -4.00
CA GLU B 392 -2.74 -36.61 -3.87
C GLU B 392 -1.69 -36.73 -2.76
N VAL B 393 -1.98 -37.54 -1.72
CA VAL B 393 -1.08 -37.81 -0.57
C VAL B 393 -0.25 -39.06 -0.87
N SER B 394 1.00 -39.10 -0.39
CA SER B 394 1.91 -40.27 -0.38
C SER B 394 2.68 -40.31 0.94
N MET B 395 2.80 -41.49 1.55
CA MET B 395 3.65 -41.73 2.74
C MET B 395 4.72 -42.77 2.37
N GLU B 396 5.99 -42.34 2.23
CA GLU B 396 7.14 -43.25 2.02
C GLU B 396 7.28 -44.12 3.28
N ALA B 397 7.01 -45.42 3.16
CA ALA B 397 7.01 -46.41 4.26
C ALA B 397 8.30 -46.28 5.07
N TRP B 398 8.19 -46.23 6.40
CA TRP B 398 9.34 -46.21 7.34
C TRP B 398 9.00 -47.03 8.59
N GLU B 399 10.00 -47.31 9.43
CA GLU B 399 9.87 -48.04 10.72
C GLU B 399 9.68 -47.00 11.84
N PRO B 400 8.44 -46.72 12.27
CA PRO B 400 8.18 -45.64 13.23
C PRO B 400 8.71 -45.93 14.64
N LYS B 401 9.14 -44.88 15.34
CA LYS B 401 9.53 -44.88 16.78
C LYS B 401 8.71 -43.82 17.52
N ARG B 402 8.77 -42.57 17.04
CA ARG B 402 7.87 -41.46 17.46
C ARG B 402 7.19 -40.89 16.22
N PRO B 403 6.09 -41.54 15.76
CA PRO B 403 5.35 -41.11 14.56
C PRO B 403 4.91 -39.64 14.54
N GLU B 404 4.69 -39.04 15.72
CA GLU B 404 4.18 -37.66 15.89
C GLU B 404 5.22 -36.66 15.35
N GLU B 405 6.50 -37.07 15.34
CA GLU B 405 7.66 -36.26 14.85
C GLU B 405 8.04 -36.68 13.42
N GLU B 406 7.84 -37.96 13.09
CA GLU B 406 8.37 -38.60 11.85
C GLU B 406 7.41 -38.42 10.67
N ALA B 407 6.09 -38.45 10.91
CA ALA B 407 5.04 -38.46 9.87
C ALA B 407 5.17 -37.24 8.95
N GLY B 408 5.47 -36.07 9.51
CA GLY B 408 5.61 -34.79 8.77
C GLY B 408 6.64 -34.87 7.66
N ARG B 409 7.76 -35.54 7.91
CA ARG B 409 8.90 -35.68 6.94
C ARG B 409 8.52 -36.64 5.81
N HIS B 410 7.84 -37.74 6.14
CA HIS B 410 7.62 -38.91 5.26
C HIS B 410 6.29 -38.79 4.49
N THR B 411 5.50 -37.75 4.74
CA THR B 411 4.16 -37.54 4.10
C THR B 411 4.27 -36.41 3.06
N HIS B 412 4.11 -36.76 1.77
CA HIS B 412 4.30 -35.86 0.60
C HIS B 412 2.94 -35.47 0.01
N LEU B 413 2.80 -34.22 -0.45
CA LEU B 413 1.59 -33.70 -1.14
C LEU B 413 1.96 -33.18 -2.53
N LYS B 414 1.11 -33.44 -3.52
CA LYS B 414 1.15 -32.84 -4.87
C LYS B 414 -0.28 -32.72 -5.41
N TYR B 415 -0.53 -31.78 -6.30
CA TYR B 415 -1.80 -31.66 -7.06
C TYR B 415 -1.82 -32.75 -8.15
N THR B 416 -2.96 -33.41 -8.35
CA THR B 416 -3.22 -34.31 -9.50
C THR B 416 -3.15 -33.48 -10.77
N PRO B 417 -2.65 -34.02 -11.92
CA PRO B 417 -2.55 -33.25 -13.16
C PRO B 417 -3.84 -32.50 -13.52
N VAL B 418 -5.00 -33.13 -13.34
CA VAL B 418 -6.35 -32.51 -13.58
C VAL B 418 -6.63 -31.48 -12.48
N GLY B 419 -6.37 -31.84 -11.22
CA GLY B 419 -6.59 -30.99 -10.04
C GLY B 419 -5.91 -29.65 -10.16
N LEU B 420 -4.64 -29.64 -10.61
CA LEU B 420 -3.79 -28.43 -10.71
C LEU B 420 -4.42 -27.41 -11.68
N LYS B 421 -5.05 -27.88 -12.77
CA LYS B 421 -5.65 -27.00 -13.80
C LYS B 421 -6.92 -26.34 -13.25
N LYS B 422 -7.72 -27.07 -12.46
CA LYS B 422 -8.94 -26.54 -11.80
C LYS B 422 -8.56 -25.48 -10.76
N VAL B 423 -7.50 -25.76 -9.97
CA VAL B 423 -6.95 -24.82 -8.95
C VAL B 423 -6.44 -23.56 -9.66
N GLU B 424 -5.62 -23.73 -10.70
CA GLU B 424 -5.11 -22.64 -11.58
C GLU B 424 -6.28 -21.77 -12.04
N ASP B 425 -7.35 -22.38 -12.57
CA ASP B 425 -8.57 -21.70 -13.09
C ASP B 425 -9.24 -20.91 -11.95
N ILE B 426 -9.43 -21.54 -10.79
CA ILE B 426 -10.10 -20.96 -9.60
C ILE B 426 -9.28 -19.76 -9.09
N VAL B 427 -7.97 -19.93 -8.92
CA VAL B 427 -7.06 -18.92 -8.29
C VAL B 427 -6.84 -17.77 -9.27
N SER B 428 -6.69 -18.06 -10.56
CA SER B 428 -6.57 -17.04 -11.65
C SER B 428 -7.84 -16.17 -11.67
N ARG B 429 -9.02 -16.81 -11.61
CA ARG B 429 -10.34 -16.13 -11.64
C ARG B 429 -10.51 -15.26 -10.40
N ALA B 430 -10.18 -15.79 -9.22
CA ALA B 430 -10.29 -15.11 -7.90
C ALA B 430 -9.40 -13.86 -7.88
N LEU B 431 -8.22 -13.95 -8.48
CA LEU B 431 -7.22 -12.85 -8.59
C LEU B 431 -7.75 -11.76 -9.52
N LYS B 432 -8.55 -12.12 -10.53
CA LYS B 432 -9.10 -11.18 -11.55
C LYS B 432 -10.28 -10.40 -10.96
N GLU B 433 -11.18 -11.07 -10.24
CA GLU B 433 -12.23 -10.42 -9.41
C GLU B 433 -11.54 -9.70 -8.24
N SER B 434 -10.31 -10.07 -7.93
CA SER B 434 -9.33 -9.32 -7.10
C SER B 434 -9.80 -9.28 -5.64
#